data_6J7U
#
_entry.id   6J7U
#
_cell.length_a   54.662
_cell.length_b   96.792
_cell.length_c   168.937
_cell.angle_alpha   90.00
_cell.angle_beta   90.00
_cell.angle_gamma   90.00
#
_symmetry.space_group_name_H-M   'P 21 21 21'
#
loop_
_entity.id
_entity.type
_entity.pdbx_description
1 polymer 'Blue fluorescent protein'
2 non-polymer 'NADPH DIHYDRO-NICOTINAMIDE-ADENINE-DINUCLEOTIDE PHOSPHATE'
3 water water
#
_entity_poly.entity_id   1
_entity_poly.type   'polypeptide(L)'
_entity_poly.pdbx_seq_one_letter_code
;MRGSHHHHHHGSACQNLNGKVAFVTGGSRGIGAAIVRRLAADGADIAFTYVSASSKNVATALVQELEAKGRRARAIQADS
ADPAQVRQAVEQAIVQLGPVDVLVNNAGIFLAGPLGEVTLDDYERTMNINVRAPFVAIQAAQASMPDGGRIINIGSCLAE
RAGRAGVTLYAASKSALLGMTRGLARDLGARGITANVVHPGPIDTDMNPADGERSGELVAVLSLPHYGEVRDIAGMVAFL
AGPDGRYVTGASLAVDGGFAA
;
_entity_poly.pdbx_strand_id   A,B,C,D
#
loop_
_chem_comp.id
_chem_comp.type
_chem_comp.name
_chem_comp.formula
NDP non-polymer 'NADPH DIHYDRO-NICOTINAMIDE-ADENINE-DINUCLEOTIDE PHOSPHATE' 'C21 H30 N7 O17 P3'
#
# COMPACT_ATOMS: atom_id res chain seq x y z
N GLN A 15 2.47 -29.33 21.29
CA GLN A 15 3.46 -28.59 20.51
C GLN A 15 3.60 -27.14 21.00
N ASN A 16 3.73 -26.21 20.05
CA ASN A 16 3.92 -24.80 20.40
C ASN A 16 2.64 -24.13 20.89
N LEU A 17 1.46 -24.70 20.65
CA LEU A 17 0.24 -24.13 21.20
C LEU A 17 -0.23 -24.87 22.44
N ASN A 18 0.59 -25.77 22.95
CA ASN A 18 0.19 -26.57 24.10
C ASN A 18 -0.08 -25.64 25.27
N GLY A 19 -1.20 -25.86 25.97
CA GLY A 19 -1.59 -25.00 27.07
C GLY A 19 -2.28 -23.70 26.67
N LYS A 20 -2.55 -23.50 25.39
CA LYS A 20 -3.20 -22.31 24.91
C LYS A 20 -4.65 -22.54 24.50
N VAL A 21 -5.42 -21.45 24.56
CA VAL A 21 -6.83 -21.43 24.19
C VAL A 21 -7.03 -20.61 22.91
N ALA A 22 -7.76 -21.19 21.96
CA ALA A 22 -8.05 -20.53 20.71
C ALA A 22 -9.55 -20.39 20.54
N PHE A 23 -10.00 -19.25 20.06
CA PHE A 23 -11.40 -19.02 19.73
C PHE A 23 -11.45 -18.72 18.25
N VAL A 24 -12.28 -19.44 17.49
CA VAL A 24 -12.37 -19.31 16.03
C VAL A 24 -13.85 -19.13 15.66
N THR A 25 -14.22 -17.96 15.14
CA THR A 25 -15.59 -17.81 14.62
C THR A 25 -15.75 -18.51 13.28
N GLY A 26 -16.92 -19.10 13.06
CA GLY A 26 -17.04 -19.80 11.80
C GLY A 26 -16.19 -21.05 11.69
N GLY A 27 -16.07 -21.82 12.77
CA GLY A 27 -15.19 -22.97 12.66
C GLY A 27 -15.83 -24.22 12.13
N SER A 28 -17.12 -24.16 11.78
CA SER A 28 -17.78 -25.41 11.40
C SER A 28 -17.33 -25.90 10.03
N ARG A 29 -16.87 -25.03 9.12
CA ARG A 29 -16.51 -25.54 7.80
C ARG A 29 -15.61 -24.57 7.04
N GLY A 30 -15.15 -25.04 5.87
CA GLY A 30 -14.33 -24.19 5.03
C GLY A 30 -13.03 -23.80 5.69
N ILE A 31 -12.62 -22.56 5.48
CA ILE A 31 -11.36 -22.10 6.06
C ILE A 31 -11.37 -22.23 7.60
N GLY A 32 -12.52 -21.96 8.23
CA GLY A 32 -12.53 -21.98 9.69
C GLY A 32 -12.35 -23.37 10.27
N ALA A 33 -12.95 -24.38 9.63
CA ALA A 33 -12.73 -25.77 10.02
C ALA A 33 -11.27 -26.18 9.80
N ALA A 34 -10.66 -25.69 8.72
CA ALA A 34 -9.25 -25.96 8.52
C ALA A 34 -8.40 -25.28 9.57
N ILE A 35 -8.79 -24.06 9.99
CA ILE A 35 -8.05 -23.38 11.04
C ILE A 35 -8.19 -24.11 12.36
N VAL A 36 -9.42 -24.52 12.74
CA VAL A 36 -9.53 -25.18 14.04
C VAL A 36 -8.77 -26.50 14.03
N ARG A 37 -8.81 -27.23 12.93
CA ARG A 37 -8.04 -28.48 12.93
C ARG A 37 -6.54 -28.20 13.08
N ARG A 38 -6.04 -27.16 12.43
CA ARG A 38 -4.61 -26.95 12.46
C ARG A 38 -4.16 -26.49 13.84
N LEU A 39 -4.88 -25.55 14.43
CA LEU A 39 -4.53 -25.08 15.76
C LEU A 39 -4.68 -26.17 16.81
N ALA A 40 -5.68 -27.04 16.67
CA ALA A 40 -5.78 -28.13 17.62
C ALA A 40 -4.60 -29.09 17.46
N ALA A 41 -4.17 -29.34 16.22
CA ALA A 41 -3.00 -30.21 16.01
C ALA A 41 -1.75 -29.59 16.61
N ASP A 42 -1.69 -28.28 16.66
CA ASP A 42 -0.59 -27.62 17.33
C ASP A 42 -0.76 -27.63 18.85
N GLY A 43 -1.89 -28.16 19.34
CA GLY A 43 -2.08 -28.40 20.75
C GLY A 43 -2.97 -27.43 21.49
N ALA A 44 -3.59 -26.48 20.79
CA ALA A 44 -4.51 -25.57 21.43
C ALA A 44 -5.82 -26.28 21.80
N ASP A 45 -6.37 -25.95 22.97
CA ASP A 45 -7.79 -26.15 23.21
C ASP A 45 -8.61 -25.16 22.36
N ILE A 46 -9.72 -25.61 21.79
CA ILE A 46 -10.41 -24.85 20.76
C ILE A 46 -11.84 -24.61 21.17
N ALA A 47 -12.33 -23.38 20.97
CA ALA A 47 -13.75 -23.11 20.92
C ALA A 47 -14.04 -22.44 19.58
N PHE A 48 -15.19 -22.78 18.96
CA PHE A 48 -15.51 -22.22 17.65
C PHE A 48 -17.01 -22.10 17.53
N THR A 49 -17.44 -21.18 16.68
CA THR A 49 -18.84 -20.89 16.54
C THR A 49 -19.34 -21.34 15.18
N TYR A 50 -20.67 -21.47 15.11
CA TYR A 50 -21.41 -21.71 13.88
C TYR A 50 -22.77 -21.05 14.06
N VAL A 51 -23.43 -20.77 12.94
CA VAL A 51 -24.74 -20.15 12.95
C VAL A 51 -25.83 -21.10 12.42
N SER A 52 -25.61 -21.67 11.24
CA SER A 52 -26.68 -22.38 10.55
C SER A 52 -27.09 -23.64 11.28
N ALA A 53 -28.39 -23.85 11.36
CA ALA A 53 -28.91 -25.06 11.95
C ALA A 53 -28.42 -26.28 11.18
N SER A 54 -28.23 -26.15 9.86
CA SER A 54 -27.74 -27.28 9.11
C SER A 54 -26.29 -27.63 9.46
N SER A 55 -25.53 -26.72 10.08
CA SER A 55 -24.17 -26.98 10.51
C SER A 55 -24.07 -27.61 11.90
N LYS A 56 -25.19 -27.83 12.61
CA LYS A 56 -25.05 -28.33 13.98
C LYS A 56 -24.41 -29.72 14.03
N ASN A 57 -24.78 -30.59 13.09
CA ASN A 57 -24.26 -31.95 13.08
C ASN A 57 -22.79 -31.95 12.73
N VAL A 58 -22.39 -31.15 11.74
CA VAL A 58 -21.00 -31.02 11.36
C VAL A 58 -20.18 -30.52 12.54
N ALA A 59 -20.74 -29.55 13.27
CA ALA A 59 -20.02 -28.92 14.37
C ALA A 59 -19.79 -29.89 15.51
N THR A 60 -20.83 -30.64 15.92
CA THR A 60 -20.61 -31.55 17.02
C THR A 60 -19.71 -32.72 16.60
N ALA A 61 -19.78 -33.11 15.33
CA ALA A 61 -18.82 -34.07 14.84
C ALA A 61 -17.42 -33.49 14.91
N LEU A 62 -17.27 -32.20 14.59
CA LEU A 62 -15.93 -31.66 14.64
C LEU A 62 -15.40 -31.69 16.07
N VAL A 63 -16.25 -31.34 17.04
CA VAL A 63 -15.83 -31.39 18.44
C VAL A 63 -15.44 -32.80 18.84
N GLN A 64 -16.19 -33.81 18.37
CA GLN A 64 -15.87 -35.18 18.71
C GLN A 64 -14.53 -35.59 18.12
N GLU A 65 -14.20 -35.08 16.94
CA GLU A 65 -12.92 -35.40 16.31
C GLU A 65 -11.72 -34.87 17.11
N LEU A 66 -11.86 -33.68 17.69
CA LEU A 66 -10.83 -33.02 18.50
C LEU A 66 -10.66 -33.67 19.87
N GLU A 67 -11.78 -34.07 20.51
CA GLU A 67 -11.70 -34.75 21.80
C GLU A 67 -11.06 -36.11 21.65
N ALA A 68 -11.29 -36.77 20.52
CA ALA A 68 -10.69 -38.06 20.26
C ALA A 68 -9.19 -37.95 20.09
N LYS A 69 -8.69 -36.77 19.75
CA LYS A 69 -7.25 -36.55 19.73
C LYS A 69 -6.75 -36.01 21.07
N GLY A 70 -7.60 -35.95 22.10
CA GLY A 70 -7.15 -35.50 23.40
C GLY A 70 -7.16 -34.02 23.61
N ARG A 71 -7.83 -33.27 22.74
CA ARG A 71 -7.98 -31.83 22.87
C ARG A 71 -9.32 -31.47 23.52
N ARG A 72 -9.34 -30.44 24.35
CA ARG A 72 -10.62 -29.87 24.77
C ARG A 72 -11.22 -29.06 23.61
N ALA A 73 -12.53 -29.15 23.41
CA ALA A 73 -13.18 -28.43 22.33
C ALA A 73 -14.64 -28.16 22.67
N ARG A 74 -15.15 -27.03 22.19
CA ARG A 74 -16.54 -26.61 22.35
C ARG A 74 -17.04 -26.05 21.04
N ALA A 75 -18.26 -26.41 20.66
CA ALA A 75 -18.97 -25.82 19.52
C ALA A 75 -20.04 -24.92 20.10
N ILE A 76 -20.12 -23.67 19.65
CA ILE A 76 -21.05 -22.71 20.22
C ILE A 76 -21.84 -22.08 19.09
N GLN A 77 -23.17 -22.18 19.16
CA GLN A 77 -23.99 -21.52 18.16
C GLN A 77 -24.13 -20.05 18.52
N ALA A 78 -23.72 -19.18 17.59
CA ALA A 78 -23.70 -17.74 17.80
C ALA A 78 -23.75 -17.10 16.43
N ASP A 79 -24.83 -16.38 16.13
CA ASP A 79 -24.98 -15.64 14.87
C ASP A 79 -24.11 -14.39 14.92
N SER A 80 -23.13 -14.31 14.00
CA SER A 80 -22.29 -13.12 13.94
C SER A 80 -23.09 -11.88 13.60
N ALA A 81 -24.26 -12.04 12.97
CA ALA A 81 -25.10 -10.88 12.74
C ALA A 81 -25.50 -10.23 14.06
N ASP A 82 -25.54 -11.00 15.15
CA ASP A 82 -25.99 -10.47 16.44
C ASP A 82 -24.81 -10.18 17.35
N PRO A 83 -24.47 -8.92 17.65
CA PRO A 83 -23.32 -8.65 18.51
C PRO A 83 -23.44 -9.29 19.87
N ALA A 84 -24.64 -9.38 20.41
CA ALA A 84 -24.73 -9.97 21.73
C ALA A 84 -24.37 -11.45 21.69
N GLN A 85 -24.70 -12.13 20.60
CA GLN A 85 -24.39 -13.56 20.52
C GLN A 85 -22.87 -13.81 20.40
N VAL A 86 -22.13 -12.93 19.71
CA VAL A 86 -20.69 -13.14 19.63
C VAL A 86 -20.04 -12.89 20.99
N ARG A 87 -20.44 -11.82 21.66
CA ARG A 87 -19.86 -11.54 22.96
C ARG A 87 -20.13 -12.68 23.92
N GLN A 88 -21.35 -13.21 23.93
CA GLN A 88 -21.68 -14.31 24.84
C GLN A 88 -20.87 -15.55 24.53
N ALA A 89 -20.63 -15.81 23.25
CA ALA A 89 -19.87 -17.00 22.90
C ALA A 89 -18.47 -16.91 23.47
N VAL A 90 -17.82 -15.76 23.32
CA VAL A 90 -16.47 -15.61 23.85
C VAL A 90 -16.49 -15.77 25.36
N GLU A 91 -17.45 -15.12 26.02
CA GLU A 91 -17.51 -15.17 27.47
C GLU A 91 -17.70 -16.60 27.93
N GLN A 92 -18.56 -17.36 27.22
CA GLN A 92 -18.74 -18.76 27.53
C GLN A 92 -17.47 -19.55 27.27
N ALA A 93 -16.77 -19.22 26.20
CA ALA A 93 -15.53 -19.93 25.94
C ALA A 93 -14.53 -19.66 27.05
N ILE A 94 -14.51 -18.43 27.57
CA ILE A 94 -13.53 -18.12 28.60
C ILE A 94 -13.84 -18.87 29.87
N VAL A 95 -15.12 -19.03 30.17
CA VAL A 95 -15.53 -19.67 31.41
C VAL A 95 -15.22 -21.15 31.37
N GLN A 96 -15.35 -21.77 30.21
CA GLN A 96 -15.15 -23.22 30.10
C GLN A 96 -13.70 -23.64 29.85
N LEU A 97 -12.95 -22.87 29.05
CA LEU A 97 -11.58 -23.23 28.75
C LEU A 97 -10.56 -22.27 29.35
N GLY A 98 -10.99 -21.10 29.84
CA GLY A 98 -10.07 -20.11 30.35
C GLY A 98 -9.83 -19.00 29.36
N PRO A 99 -9.02 -18.00 29.74
CA PRO A 99 -8.83 -16.84 28.85
C PRO A 99 -8.28 -17.28 27.51
N VAL A 100 -8.71 -16.59 26.44
CA VAL A 100 -8.30 -16.98 25.11
C VAL A 100 -6.95 -16.36 24.75
N ASP A 101 -6.02 -17.21 24.29
CA ASP A 101 -4.71 -16.82 23.80
C ASP A 101 -4.74 -16.44 22.34
N VAL A 102 -5.51 -17.16 21.51
CA VAL A 102 -5.55 -16.91 20.07
C VAL A 102 -6.98 -16.73 19.64
N LEU A 103 -7.28 -15.54 19.14
CA LEU A 103 -8.60 -15.22 18.61
C LEU A 103 -8.49 -15.10 17.10
N VAL A 104 -9.29 -15.88 16.38
CA VAL A 104 -9.29 -15.88 14.91
C VAL A 104 -10.70 -15.47 14.44
N ASN A 105 -10.82 -14.29 13.86
CA ASN A 105 -12.07 -13.83 13.30
C ASN A 105 -12.15 -14.29 11.83
N ASN A 106 -12.85 -15.38 11.61
CA ASN A 106 -12.95 -15.99 10.28
C ASN A 106 -14.34 -15.94 9.65
N ALA A 107 -15.41 -16.02 10.43
CA ALA A 107 -16.74 -16.06 9.84
C ALA A 107 -16.98 -14.81 8.98
N GLY A 108 -17.55 -15.01 7.78
CA GLY A 108 -17.74 -13.90 6.87
C GLY A 108 -18.91 -14.15 5.94
N ILE A 109 -19.36 -13.10 5.29
CA ILE A 109 -20.42 -13.21 4.31
C ILE A 109 -20.01 -12.41 3.08
N PHE A 110 -20.38 -12.90 1.92
CA PHE A 110 -20.09 -12.28 0.67
C PHE A 110 -21.34 -11.97 -0.13
N LEU A 111 -21.76 -10.74 -0.18
CA LEU A 111 -22.91 -10.39 -0.97
C LEU A 111 -22.42 -9.49 -2.06
N ALA A 112 -22.51 -9.95 -3.28
CA ALA A 112 -22.01 -9.23 -4.40
C ALA A 112 -23.08 -8.94 -5.44
N GLY A 113 -22.86 -7.97 -6.29
CA GLY A 113 -23.86 -7.65 -7.29
C GLY A 113 -23.91 -6.20 -7.74
N PRO A 114 -24.84 -5.87 -8.64
CA PRO A 114 -24.89 -4.50 -9.16
C PRO A 114 -25.08 -3.53 -8.01
N LEU A 115 -24.40 -2.41 -8.10
CA LEU A 115 -24.40 -1.45 -7.00
C LEU A 115 -25.79 -0.91 -6.69
N GLY A 116 -26.63 -0.79 -7.71
CA GLY A 116 -27.95 -0.23 -7.48
C GLY A 116 -28.93 -1.16 -6.83
N GLU A 117 -28.64 -2.47 -6.84
CA GLU A 117 -29.51 -3.44 -6.20
C GLU A 117 -29.14 -3.68 -4.73
N VAL A 118 -28.08 -3.08 -4.21
CA VAL A 118 -27.72 -3.36 -2.82
C VAL A 118 -28.78 -2.78 -1.90
N THR A 119 -29.27 -3.60 -0.97
CA THR A 119 -30.33 -3.21 -0.05
C THR A 119 -29.72 -2.84 1.30
N LEU A 120 -30.53 -2.19 2.12
CA LEU A 120 -29.99 -1.89 3.45
C LEU A 120 -29.73 -3.18 4.22
N ASP A 121 -30.53 -4.21 4.01
CA ASP A 121 -30.25 -5.45 4.71
C ASP A 121 -28.92 -6.04 4.25
N ASP A 122 -28.60 -5.92 2.95
CA ASP A 122 -27.27 -6.32 2.49
C ASP A 122 -26.20 -5.55 3.21
N TYR A 123 -26.43 -4.24 3.42
CA TYR A 123 -25.44 -3.38 4.06
C TYR A 123 -25.28 -3.70 5.55
N GLU A 124 -26.38 -3.74 6.28
CA GLU A 124 -26.26 -3.98 7.71
C GLU A 124 -25.70 -5.37 7.96
N ARG A 125 -26.14 -6.36 7.16
CA ARG A 125 -25.75 -7.73 7.40
C ARG A 125 -24.25 -7.94 7.13
N THR A 126 -23.76 -7.36 6.05
CA THR A 126 -22.35 -7.44 5.71
C THR A 126 -21.49 -6.77 6.76
N MET A 127 -21.91 -5.57 7.19
CA MET A 127 -21.13 -4.80 8.15
C MET A 127 -21.16 -5.40 9.55
N ASN A 128 -22.30 -5.96 9.97
CA ASN A 128 -22.38 -6.60 11.28
C ASN A 128 -21.55 -7.89 11.32
N ILE A 129 -21.59 -8.68 10.26
CA ILE A 129 -20.91 -9.97 10.26
C ILE A 129 -19.44 -9.80 9.99
N ASN A 130 -19.09 -8.96 9.01
CA ASN A 130 -17.69 -8.88 8.62
C ASN A 130 -16.91 -7.88 9.42
N VAL A 131 -17.56 -6.95 10.10
CA VAL A 131 -16.80 -5.88 10.74
C VAL A 131 -17.09 -5.84 12.24
N ARG A 132 -18.36 -5.61 12.60
CA ARG A 132 -18.68 -5.42 14.01
C ARG A 132 -18.44 -6.68 14.85
N ALA A 133 -18.85 -7.87 14.34
CA ALA A 133 -18.60 -9.08 15.11
C ALA A 133 -17.12 -9.26 15.43
N PRO A 134 -16.20 -9.15 14.46
CA PRO A 134 -14.79 -9.27 14.85
C PRO A 134 -14.40 -8.26 15.93
N PHE A 135 -14.92 -7.06 15.82
CA PHE A 135 -14.59 -6.03 16.78
C PHE A 135 -15.15 -6.37 18.16
N VAL A 136 -16.35 -6.96 18.20
CA VAL A 136 -16.93 -7.33 19.49
C VAL A 136 -16.17 -8.51 20.10
N ALA A 137 -15.81 -9.52 19.30
CA ALA A 137 -15.07 -10.67 19.83
C ALA A 137 -13.75 -10.22 20.44
N ILE A 138 -13.08 -9.27 19.78
CA ILE A 138 -11.81 -8.73 20.25
C ILE A 138 -12.00 -7.99 21.54
N GLN A 139 -13.07 -7.20 21.63
CA GLN A 139 -13.32 -6.45 22.85
C GLN A 139 -13.60 -7.37 24.02
N ALA A 140 -14.32 -8.48 23.77
CA ALA A 140 -14.62 -9.43 24.84
C ALA A 140 -13.39 -10.23 25.23
N ALA A 141 -12.59 -10.63 24.22
CA ALA A 141 -11.43 -11.48 24.45
C ALA A 141 -10.26 -10.72 25.03
N GLN A 142 -10.09 -9.46 24.64
CA GLN A 142 -8.89 -8.75 25.01
C GLN A 142 -8.83 -8.47 26.50
N ALA A 143 -9.97 -8.39 27.16
CA ALA A 143 -9.97 -7.97 28.55
C ALA A 143 -9.09 -8.87 29.40
N SER A 144 -9.07 -10.17 29.10
CA SER A 144 -8.31 -11.15 29.86
C SER A 144 -7.28 -11.91 29.01
N MET A 145 -6.97 -11.44 27.83
CA MET A 145 -6.00 -12.13 26.99
C MET A 145 -4.62 -12.07 27.64
N PRO A 146 -3.95 -13.20 27.82
CA PRO A 146 -2.60 -13.20 28.43
C PRO A 146 -1.59 -12.48 27.54
N ASP A 147 -0.56 -11.95 28.18
CA ASP A 147 0.47 -11.23 27.45
C ASP A 147 1.02 -12.15 26.35
N GLY A 148 1.34 -11.56 25.20
CA GLY A 148 1.83 -12.35 24.08
C GLY A 148 0.76 -13.05 23.27
N GLY A 149 -0.48 -12.62 23.44
CA GLY A 149 -1.64 -13.14 22.76
C GLY A 149 -1.72 -12.76 21.30
N ARG A 150 -2.63 -13.36 20.60
CA ARG A 150 -2.78 -13.17 19.19
C ARG A 150 -4.17 -12.91 18.73
N ILE A 151 -4.32 -12.02 17.77
CA ILE A 151 -5.57 -11.71 17.18
C ILE A 151 -5.33 -11.86 15.72
N ILE A 152 -6.13 -12.65 15.06
CA ILE A 152 -5.92 -12.87 13.65
C ILE A 152 -7.25 -12.71 12.91
N ASN A 153 -7.38 -11.65 12.13
CA ASN A 153 -8.56 -11.43 11.32
C ASN A 153 -8.39 -12.04 9.93
N ILE A 154 -9.45 -12.70 9.45
CA ILE A 154 -9.46 -13.17 8.06
C ILE A 154 -10.07 -12.06 7.19
N GLY A 155 -9.25 -11.48 6.33
CA GLY A 155 -9.69 -10.45 5.41
C GLY A 155 -10.07 -10.96 4.04
N SER A 156 -9.48 -10.38 3.01
CA SER A 156 -9.70 -10.85 1.65
C SER A 156 -8.81 -10.02 0.73
N CYS A 157 -8.39 -10.66 -0.38
CA CYS A 157 -7.65 -9.93 -1.40
C CYS A 157 -8.47 -8.77 -1.97
N LEU A 158 -9.81 -8.88 -1.97
CA LEU A 158 -10.66 -7.80 -2.45
C LEU A 158 -10.62 -6.57 -1.56
N ALA A 159 -10.15 -6.69 -0.31
CA ALA A 159 -9.94 -5.51 0.51
C ALA A 159 -8.86 -4.58 -0.08
N GLU A 160 -7.85 -5.14 -0.72
CA GLU A 160 -6.78 -4.30 -1.26
C GLU A 160 -6.96 -3.96 -2.73
N ARG A 161 -7.61 -4.82 -3.51
CA ARG A 161 -7.88 -4.55 -4.93
C ARG A 161 -9.26 -5.11 -5.28
N ALA A 162 -10.16 -4.27 -5.73
CA ALA A 162 -11.47 -4.80 -6.09
C ALA A 162 -11.39 -5.64 -7.35
N GLY A 163 -10.65 -5.16 -8.35
CA GLY A 163 -10.40 -5.86 -9.60
C GLY A 163 -11.54 -5.87 -10.61
N ARG A 164 -12.81 -5.88 -10.13
CA ARG A 164 -14.00 -6.08 -10.94
C ARG A 164 -15.15 -5.24 -10.39
N ALA A 165 -16.21 -5.12 -11.19
CA ALA A 165 -17.46 -4.55 -10.73
C ALA A 165 -18.22 -5.55 -9.85
N GLY A 166 -19.05 -5.02 -8.96
CA GLY A 166 -19.96 -5.85 -8.20
C GLY A 166 -19.54 -6.25 -6.80
N VAL A 167 -18.36 -5.79 -6.29
CA VAL A 167 -17.89 -6.20 -4.97
C VAL A 167 -17.66 -5.01 -4.02
N THR A 168 -18.31 -3.86 -4.27
CA THR A 168 -18.08 -2.65 -3.49
C THR A 168 -18.36 -2.82 -2.00
N LEU A 169 -19.51 -3.37 -1.66
CA LEU A 169 -19.87 -3.49 -0.25
C LEU A 169 -18.98 -4.53 0.44
N TYR A 170 -18.77 -5.67 -0.22
CA TYR A 170 -17.89 -6.63 0.39
C TYR A 170 -16.50 -6.05 0.54
N ALA A 171 -16.03 -5.35 -0.48
CA ALA A 171 -14.68 -4.85 -0.42
C ALA A 171 -14.52 -3.82 0.70
N ALA A 172 -15.54 -3.01 0.95
CA ALA A 172 -15.46 -2.01 2.03
C ALA A 172 -15.47 -2.66 3.39
N SER A 173 -16.25 -3.74 3.56
CA SER A 173 -16.27 -4.37 4.86
C SER A 173 -14.90 -5.02 5.15
N LYS A 174 -14.25 -5.54 4.13
CA LYS A 174 -12.98 -6.21 4.37
C LYS A 174 -11.83 -5.22 4.50
N SER A 175 -11.84 -4.07 3.80
CA SER A 175 -10.79 -3.08 4.08
C SER A 175 -10.99 -2.35 5.42
N ALA A 176 -12.20 -2.42 6.01
CA ALA A 176 -12.37 -1.87 7.36
C ALA A 176 -11.46 -2.60 8.35
N LEU A 177 -11.15 -3.86 8.08
CA LEU A 177 -10.27 -4.60 8.97
C LEU A 177 -8.81 -4.13 8.90
N LEU A 178 -8.40 -3.45 7.83
CA LEU A 178 -7.01 -3.01 7.78
C LEU A 178 -6.73 -1.99 8.88
N GLY A 179 -7.49 -0.89 8.88
CA GLY A 179 -7.31 0.08 9.94
C GLY A 179 -7.65 -0.47 11.32
N MET A 180 -8.68 -1.32 11.43
CA MET A 180 -8.93 -1.92 12.74
C MET A 180 -7.74 -2.72 13.25
N THR A 181 -7.08 -3.47 12.36
CA THR A 181 -5.94 -4.27 12.77
C THR A 181 -4.75 -3.39 13.11
N ARG A 182 -4.49 -2.40 12.31
CA ARG A 182 -3.38 -1.54 12.65
C ARG A 182 -3.64 -0.81 13.96
N GLY A 183 -4.89 -0.36 14.20
CA GLY A 183 -5.18 0.28 15.46
C GLY A 183 -5.05 -0.69 16.63
N LEU A 184 -5.48 -1.93 16.42
CA LEU A 184 -5.29 -2.93 17.47
C LEU A 184 -3.80 -3.21 17.76
N ALA A 185 -2.97 -3.29 16.72
CA ALA A 185 -1.57 -3.56 17.00
C ALA A 185 -0.98 -2.47 17.87
N ARG A 186 -1.43 -1.23 17.70
CA ARG A 186 -0.97 -0.15 18.60
C ARG A 186 -1.61 -0.25 19.97
N ASP A 187 -2.89 -0.58 20.03
CA ASP A 187 -3.58 -0.59 21.31
C ASP A 187 -3.01 -1.64 22.25
N LEU A 188 -2.59 -2.80 21.70
CA LEU A 188 -2.28 -3.98 22.51
C LEU A 188 -0.81 -4.38 22.52
N GLY A 189 0.04 -3.68 21.78
CA GLY A 189 1.42 -4.11 21.65
C GLY A 189 2.20 -4.03 22.95
N ALA A 190 1.80 -3.12 23.84
CA ALA A 190 2.48 -3.03 25.12
C ALA A 190 2.35 -4.30 25.96
N ARG A 191 1.32 -5.11 25.72
CA ARG A 191 1.16 -6.41 26.36
C ARG A 191 1.76 -7.53 25.53
N GLY A 192 2.37 -7.20 24.41
CA GLY A 192 2.97 -8.22 23.59
C GLY A 192 2.03 -8.91 22.65
N ILE A 193 0.77 -8.49 22.66
CA ILE A 193 -0.30 -9.08 21.84
C ILE A 193 -0.15 -8.57 20.42
N THR A 194 -0.26 -9.48 19.48
CA THR A 194 -0.20 -9.08 18.08
C THR A 194 -1.57 -9.17 17.42
N ALA A 195 -1.73 -8.35 16.38
CA ALA A 195 -2.94 -8.26 15.59
C ALA A 195 -2.53 -8.15 14.14
N ASN A 196 -2.99 -9.10 13.32
CA ASN A 196 -2.72 -9.16 11.89
C ASN A 196 -4.00 -9.56 11.16
N VAL A 197 -4.04 -9.22 9.88
CA VAL A 197 -5.12 -9.66 9.01
C VAL A 197 -4.50 -10.45 7.86
N VAL A 198 -5.09 -11.61 7.59
CA VAL A 198 -4.68 -12.50 6.51
C VAL A 198 -5.66 -12.35 5.35
N HIS A 199 -5.14 -12.24 4.11
CA HIS A 199 -6.00 -12.05 2.94
C HIS A 199 -5.97 -13.27 2.02
N PRO A 200 -7.00 -14.11 2.01
CA PRO A 200 -7.06 -15.16 1.00
C PRO A 200 -7.26 -14.60 -0.40
N GLY A 201 -6.67 -15.30 -1.38
CA GLY A 201 -7.06 -15.19 -2.76
C GLY A 201 -8.17 -16.20 -2.96
N PRO A 202 -8.48 -16.61 -4.18
CA PRO A 202 -9.55 -17.62 -4.34
C PRO A 202 -9.15 -18.92 -3.64
N ILE A 203 -10.05 -19.43 -2.80
CA ILE A 203 -9.81 -20.65 -2.01
C ILE A 203 -11.01 -21.58 -2.20
N ASP A 204 -10.72 -22.83 -2.55
CA ASP A 204 -11.77 -23.75 -2.92
C ASP A 204 -12.63 -24.08 -1.69
N THR A 205 -13.80 -23.43 -1.58
CA THR A 205 -14.76 -23.73 -0.51
C THR A 205 -16.18 -23.57 -1.06
N ASP A 206 -17.17 -23.76 -0.18
CA ASP A 206 -18.55 -23.61 -0.63
C ASP A 206 -18.85 -22.17 -1.04
N MET A 207 -18.30 -21.20 -0.32
CA MET A 207 -18.53 -19.82 -0.71
C MET A 207 -17.92 -19.52 -2.08
N ASN A 208 -16.78 -20.14 -2.42
CA ASN A 208 -16.11 -19.94 -3.71
C ASN A 208 -15.64 -21.24 -4.35
N PRO A 209 -16.54 -22.03 -4.93
CA PRO A 209 -16.12 -23.32 -5.53
C PRO A 209 -15.12 -23.10 -6.65
N ALA A 210 -14.13 -24.02 -6.73
CA ALA A 210 -13.09 -23.96 -7.75
C ALA A 210 -13.66 -24.30 -9.12
N ASP A 211 -14.82 -24.96 -9.16
CA ASP A 211 -15.46 -25.36 -10.40
C ASP A 211 -16.70 -24.51 -10.69
N GLY A 212 -16.81 -23.34 -10.06
CA GLY A 212 -17.89 -22.46 -10.40
C GLY A 212 -17.71 -21.89 -11.79
N GLU A 213 -18.82 -21.46 -12.38
CA GLU A 213 -18.76 -21.01 -13.76
C GLU A 213 -17.84 -19.82 -13.92
N ARG A 214 -17.72 -19.01 -12.87
CA ARG A 214 -16.83 -17.86 -12.82
C ARG A 214 -15.38 -18.22 -12.46
N SER A 215 -15.13 -19.47 -12.08
CA SER A 215 -13.81 -19.81 -11.53
C SER A 215 -12.70 -19.61 -12.56
N GLY A 216 -13.00 -19.82 -13.84
CA GLY A 216 -11.94 -19.79 -14.84
C GLY A 216 -11.41 -18.39 -15.13
N GLU A 217 -12.29 -17.39 -15.20
CA GLU A 217 -11.79 -16.05 -15.52
C GLU A 217 -10.97 -15.50 -14.36
N LEU A 218 -11.24 -15.99 -13.16
CA LEU A 218 -10.50 -15.59 -11.98
C LEU A 218 -9.09 -16.17 -11.95
N VAL A 219 -8.95 -17.45 -12.32
CA VAL A 219 -7.64 -18.09 -12.37
C VAL A 219 -6.75 -17.38 -13.39
N ALA A 220 -7.35 -16.84 -14.43
CA ALA A 220 -6.65 -16.20 -15.50
C ALA A 220 -5.88 -14.99 -15.02
N VAL A 221 -6.26 -14.38 -13.89
CA VAL A 221 -5.56 -13.21 -13.41
C VAL A 221 -4.62 -13.51 -12.23
N LEU A 222 -4.45 -14.78 -11.85
CA LEU A 222 -3.56 -15.14 -10.75
C LEU A 222 -2.13 -15.31 -11.26
N SER A 223 -1.16 -15.20 -10.36
CA SER A 223 0.22 -15.55 -10.76
C SER A 223 0.44 -17.07 -10.78
N LEU A 224 -0.07 -17.77 -9.77
CA LEU A 224 -0.16 -19.21 -9.76
C LEU A 224 -1.51 -19.60 -10.38
N PRO A 225 -1.54 -20.44 -11.41
CA PRO A 225 -2.80 -20.64 -12.18
C PRO A 225 -3.75 -21.68 -11.58
N HIS A 226 -4.14 -21.48 -10.32
CA HIS A 226 -5.08 -22.39 -9.69
C HIS A 226 -5.59 -21.76 -8.40
N TYR A 227 -6.78 -22.23 -7.96
CA TYR A 227 -7.31 -21.90 -6.65
C TYR A 227 -6.38 -22.43 -5.55
N GLY A 228 -6.33 -21.72 -4.44
CA GLY A 228 -5.67 -22.23 -3.27
C GLY A 228 -6.57 -23.21 -2.55
N GLU A 229 -6.10 -23.67 -1.38
CA GLU A 229 -6.87 -24.59 -0.54
C GLU A 229 -6.91 -24.13 0.91
N VAL A 230 -7.87 -24.67 1.66
CA VAL A 230 -8.13 -24.18 3.02
C VAL A 230 -6.91 -24.34 3.92
N ARG A 231 -6.08 -25.33 3.68
CA ARG A 231 -4.85 -25.48 4.46
C ARG A 231 -3.87 -24.32 4.21
N ASP A 232 -3.95 -23.70 3.07
CA ASP A 232 -3.11 -22.57 2.82
C ASP A 232 -3.44 -21.48 3.80
N ILE A 233 -4.71 -21.22 4.07
CA ILE A 233 -5.03 -20.26 5.05
C ILE A 233 -4.71 -20.71 6.46
N ALA A 234 -5.02 -21.95 6.81
CA ALA A 234 -4.78 -22.46 8.16
C ALA A 234 -3.32 -22.38 8.53
N GLY A 235 -2.45 -22.69 7.57
CA GLY A 235 -1.02 -22.61 7.84
C GLY A 235 -0.52 -21.20 8.09
N MET A 236 -1.05 -20.21 7.33
CA MET A 236 -0.61 -18.85 7.61
C MET A 236 -1.05 -18.46 9.01
N VAL A 237 -2.28 -18.85 9.39
CA VAL A 237 -2.80 -18.56 10.73
C VAL A 237 -2.01 -19.29 11.80
N ALA A 238 -1.68 -20.55 11.57
CA ALA A 238 -0.90 -21.29 12.54
C ALA A 238 0.46 -20.62 12.76
N PHE A 239 1.05 -20.10 11.69
CA PHE A 239 2.31 -19.38 11.81
C PHE A 239 2.13 -18.10 12.63
N LEU A 240 1.08 -17.32 12.37
CA LEU A 240 0.93 -16.10 13.15
C LEU A 240 0.60 -16.42 14.59
N ALA A 241 -0.10 -17.54 14.83
CA ALA A 241 -0.47 -17.95 16.19
C ALA A 241 0.70 -18.47 17.01
N GLY A 242 1.73 -18.99 16.38
CA GLY A 242 2.77 -19.67 17.12
C GLY A 242 3.98 -18.81 17.48
N PRO A 243 5.05 -19.50 17.90
CA PRO A 243 6.30 -18.82 18.30
C PRO A 243 6.91 -17.98 17.22
N ASP A 244 6.77 -18.40 15.96
CA ASP A 244 7.36 -17.63 14.89
C ASP A 244 6.59 -16.35 14.57
N GLY A 245 5.38 -16.19 15.08
CA GLY A 245 4.68 -14.95 14.84
C GLY A 245 4.91 -13.87 15.86
N ARG A 246 5.76 -14.09 16.85
CA ARG A 246 5.75 -13.21 18.02
C ARG A 246 6.07 -11.76 17.66
N TYR A 247 6.84 -11.54 16.58
CA TYR A 247 7.25 -10.20 16.21
C TYR A 247 6.51 -9.69 14.98
N VAL A 248 5.52 -10.42 14.46
CA VAL A 248 4.70 -9.93 13.35
C VAL A 248 3.45 -9.24 13.89
N THR A 249 3.30 -7.95 13.59
CA THR A 249 2.09 -7.30 14.09
C THR A 249 1.71 -6.05 13.32
N GLY A 250 0.41 -5.85 13.19
CA GLY A 250 -0.11 -4.78 12.39
C GLY A 250 -0.05 -5.03 10.91
N ALA A 251 0.19 -6.27 10.49
CA ALA A 251 0.46 -6.58 9.08
C ALA A 251 -0.76 -7.09 8.31
N SER A 252 -0.74 -6.89 7.00
CA SER A 252 -1.63 -7.53 6.03
C SER A 252 -0.86 -8.61 5.28
N LEU A 253 -1.27 -9.84 5.44
CA LEU A 253 -0.51 -10.96 4.89
C LEU A 253 -1.35 -11.60 3.82
N ALA A 254 -0.95 -11.41 2.57
CA ALA A 254 -1.71 -11.99 1.48
C ALA A 254 -1.31 -13.46 1.26
N VAL A 255 -2.33 -14.32 1.21
CA VAL A 255 -2.21 -15.72 0.82
C VAL A 255 -3.09 -15.88 -0.40
N ASP A 256 -2.70 -15.24 -1.53
CA ASP A 256 -3.65 -14.99 -2.61
C ASP A 256 -3.19 -15.53 -3.97
N GLY A 257 -2.18 -16.40 -3.99
CA GLY A 257 -1.74 -16.87 -5.28
C GLY A 257 -1.20 -15.81 -6.21
N GLY A 258 -0.73 -14.67 -5.68
CA GLY A 258 -0.26 -13.68 -6.60
C GLY A 258 -1.37 -12.91 -7.29
N PHE A 259 -2.58 -12.90 -6.70
CA PHE A 259 -3.67 -12.12 -7.27
C PHE A 259 -3.32 -10.66 -7.36
N ALA A 260 -2.60 -10.15 -6.35
CA ALA A 260 -2.22 -8.75 -6.25
C ALA A 260 -0.89 -8.40 -6.96
N ALA A 261 -0.12 -9.38 -7.42
CA ALA A 261 1.27 -9.09 -7.79
C ALA A 261 1.43 -8.04 -8.91
N GLN B 15 -1.79 32.13 -13.55
CA GLN B 15 -0.34 32.30 -13.47
C GLN B 15 0.25 32.02 -12.09
N ASN B 16 -0.02 30.83 -11.55
CA ASN B 16 0.47 30.49 -10.22
C ASN B 16 1.96 30.16 -10.20
N LEU B 17 2.56 29.91 -11.34
CA LEU B 17 3.97 29.61 -11.48
C LEU B 17 4.82 30.80 -11.96
N ASN B 18 4.26 32.00 -11.94
CA ASN B 18 5.00 33.17 -12.40
C ASN B 18 6.24 33.38 -11.52
N GLY B 19 7.39 33.61 -12.16
CA GLY B 19 8.62 33.80 -11.41
C GLY B 19 9.29 32.53 -10.94
N LYS B 20 8.77 31.37 -11.31
CA LYS B 20 9.37 30.10 -10.94
C LYS B 20 10.09 29.54 -12.15
N VAL B 21 11.08 28.68 -11.88
CA VAL B 21 11.83 27.99 -12.91
C VAL B 21 11.57 26.50 -12.86
N ALA B 22 11.35 25.88 -14.02
CA ALA B 22 11.14 24.43 -14.05
C ALA B 22 12.23 23.70 -14.86
N PHE B 23 12.58 22.51 -14.36
CA PHE B 23 13.49 21.60 -15.03
C PHE B 23 12.75 20.29 -15.30
N VAL B 24 12.77 19.84 -16.55
CA VAL B 24 12.04 18.67 -16.99
C VAL B 24 12.98 17.80 -17.82
N THR B 25 13.30 16.61 -17.35
CA THR B 25 14.04 15.72 -18.22
C THR B 25 13.13 15.18 -19.30
N GLY B 26 13.64 15.11 -20.51
CA GLY B 26 12.81 14.51 -21.53
C GLY B 26 11.63 15.35 -21.94
N GLY B 27 11.81 16.65 -22.05
CA GLY B 27 10.71 17.52 -22.35
C GLY B 27 10.40 17.66 -23.82
N SER B 28 11.13 16.94 -24.68
CA SER B 28 10.97 17.14 -26.12
C SER B 28 9.68 16.52 -26.66
N ARG B 29 9.12 15.49 -26.01
CA ARG B 29 7.96 14.84 -26.61
C ARG B 29 7.16 14.05 -25.58
N GLY B 30 6.00 13.60 -26.02
CA GLY B 30 5.18 12.76 -25.16
C GLY B 30 4.73 13.49 -23.92
N ILE B 31 4.73 12.76 -22.80
CA ILE B 31 4.31 13.33 -21.52
C ILE B 31 5.19 14.50 -21.13
N GLY B 32 6.49 14.43 -21.42
CA GLY B 32 7.39 15.52 -21.01
C GLY B 32 7.16 16.82 -21.80
N ALA B 33 6.88 16.70 -23.09
CA ALA B 33 6.51 17.88 -23.86
C ALA B 33 5.23 18.51 -23.32
N ALA B 34 4.23 17.69 -22.92
CA ALA B 34 2.99 18.22 -22.36
C ALA B 34 3.22 18.88 -21.00
N ILE B 35 4.18 18.36 -20.22
CA ILE B 35 4.49 19.01 -18.96
C ILE B 35 5.12 20.37 -19.19
N VAL B 36 6.10 20.47 -20.13
CA VAL B 36 6.73 21.77 -20.30
C VAL B 36 5.69 22.76 -20.84
N ARG B 37 4.81 22.30 -21.72
CA ARG B 37 3.79 23.22 -22.19
C ARG B 37 2.88 23.67 -21.06
N ARG B 38 2.48 22.75 -20.21
CA ARG B 38 1.51 23.12 -19.19
C ARG B 38 2.13 24.01 -18.13
N LEU B 39 3.36 23.69 -17.72
CA LEU B 39 4.05 24.50 -16.73
C LEU B 39 4.41 25.87 -17.26
N ALA B 40 4.72 25.98 -18.56
CA ALA B 40 4.98 27.31 -19.09
C ALA B 40 3.68 28.11 -19.16
N ALA B 41 2.57 27.45 -19.49
CA ALA B 41 1.32 28.20 -19.55
C ALA B 41 0.97 28.73 -18.18
N ASP B 42 1.41 28.04 -17.14
CA ASP B 42 1.24 28.52 -15.78
C ASP B 42 2.26 29.58 -15.40
N GLY B 43 3.19 29.92 -16.29
CA GLY B 43 4.07 31.04 -16.09
C GLY B 43 5.50 30.70 -15.72
N ALA B 44 5.88 29.44 -15.74
CA ALA B 44 7.24 29.06 -15.42
C ALA B 44 8.18 29.33 -16.59
N ASP B 45 9.35 29.88 -16.29
CA ASP B 45 10.47 29.72 -17.20
C ASP B 45 10.91 28.25 -17.17
N ILE B 46 11.28 27.70 -18.35
CA ILE B 46 11.45 26.25 -18.47
C ILE B 46 12.79 25.90 -19.10
N ALA B 47 13.47 24.92 -18.51
CA ALA B 47 14.58 24.24 -19.14
C ALA B 47 14.23 22.77 -19.21
N PHE B 48 14.63 22.11 -20.29
CA PHE B 48 14.32 20.69 -20.45
C PHE B 48 15.38 20.01 -21.30
N THR B 49 15.46 18.68 -21.17
CA THR B 49 16.47 17.90 -21.87
C THR B 49 15.87 16.97 -22.91
N TYR B 50 16.71 16.61 -23.83
CA TYR B 50 16.44 15.68 -24.90
C TYR B 50 17.69 14.87 -25.10
N VAL B 51 17.50 13.68 -25.62
CA VAL B 51 18.64 12.84 -25.84
C VAL B 51 19.04 12.63 -27.27
N SER B 52 18.09 12.33 -28.10
CA SER B 52 18.36 12.05 -29.49
C SER B 52 18.75 13.27 -30.35
N ALA B 53 19.80 13.17 -31.14
CA ALA B 53 20.14 14.29 -32.02
C ALA B 53 18.99 14.52 -32.98
N SER B 54 18.26 13.45 -33.30
CA SER B 54 17.08 13.56 -34.13
C SER B 54 15.98 14.37 -33.43
N SER B 55 16.05 14.54 -32.12
CA SER B 55 15.09 15.40 -31.42
C SER B 55 15.52 16.86 -31.33
N LYS B 56 16.70 17.22 -31.84
CA LYS B 56 17.12 18.60 -31.68
C LYS B 56 16.16 19.57 -32.37
N ASN B 57 15.58 19.17 -33.50
CA ASN B 57 14.65 20.06 -34.20
C ASN B 57 13.38 20.28 -33.40
N VAL B 58 12.79 19.20 -32.85
CA VAL B 58 11.58 19.32 -32.04
C VAL B 58 11.83 20.14 -30.80
N ALA B 59 12.99 19.94 -30.18
CA ALA B 59 13.32 20.65 -28.95
C ALA B 59 13.51 22.14 -29.22
N THR B 60 14.28 22.50 -30.25
CA THR B 60 14.47 23.91 -30.47
C THR B 60 13.19 24.53 -30.98
N ALA B 61 12.35 23.74 -31.67
CA ALA B 61 11.02 24.25 -32.02
C ALA B 61 10.20 24.51 -30.77
N LEU B 62 10.33 23.64 -29.76
CA LEU B 62 9.58 23.84 -28.51
C LEU B 62 10.03 25.12 -27.80
N VAL B 63 11.34 25.39 -27.81
CA VAL B 63 11.83 26.62 -27.20
C VAL B 63 11.26 27.81 -27.93
N GLN B 64 11.21 27.74 -29.27
CA GLN B 64 10.69 28.88 -30.03
C GLN B 64 9.22 29.14 -29.72
N GLU B 65 8.43 28.07 -29.57
CA GLU B 65 7.03 28.24 -29.26
C GLU B 65 6.83 28.92 -27.91
N LEU B 66 7.69 28.59 -26.92
CA LEU B 66 7.55 29.16 -25.58
C LEU B 66 7.99 30.61 -25.53
N GLU B 67 9.07 30.96 -26.22
CA GLU B 67 9.53 32.34 -26.23
C GLU B 67 8.53 33.25 -26.95
N ALA B 68 7.87 32.73 -27.99
CA ALA B 68 6.85 33.50 -28.69
C ALA B 68 5.65 33.76 -27.81
N LYS B 69 5.51 33.03 -26.72
CA LYS B 69 4.54 33.33 -25.69
C LYS B 69 5.12 34.16 -24.55
N GLY B 70 6.37 34.62 -24.65
CA GLY B 70 6.97 35.43 -23.61
C GLY B 70 7.63 34.69 -22.47
N ARG B 71 7.80 33.39 -22.58
CA ARG B 71 8.48 32.61 -21.56
C ARG B 71 9.94 32.41 -21.93
N ARG B 72 10.81 32.46 -20.92
CA ARG B 72 12.20 32.04 -21.09
C ARG B 72 12.24 30.52 -21.16
N ALA B 73 13.06 29.97 -22.05
CA ALA B 73 13.14 28.51 -22.17
C ALA B 73 14.51 28.12 -22.68
N ARG B 74 14.99 26.93 -22.28
CA ARG B 74 16.26 26.39 -22.77
C ARG B 74 16.12 24.94 -23.12
N ALA B 75 16.66 24.53 -24.25
CA ALA B 75 16.72 23.11 -24.56
C ALA B 75 18.17 22.64 -24.38
N ILE B 76 18.35 21.54 -23.62
CA ILE B 76 19.67 21.04 -23.23
C ILE B 76 19.75 19.56 -23.58
N GLN B 77 20.72 19.17 -24.41
CA GLN B 77 20.90 17.76 -24.73
C GLN B 77 21.65 17.08 -23.59
N ALA B 78 21.09 16.01 -23.08
CA ALA B 78 21.66 15.33 -21.93
C ALA B 78 21.18 13.89 -21.98
N ASP B 79 22.10 12.95 -22.25
CA ASP B 79 21.76 11.53 -22.21
C ASP B 79 21.57 11.10 -20.77
N SER B 80 20.38 10.64 -20.43
CA SER B 80 20.11 10.21 -19.07
C SER B 80 20.94 9.01 -18.67
N ALA B 81 21.40 8.19 -19.63
CA ALA B 81 22.28 7.09 -19.29
C ALA B 81 23.57 7.60 -18.66
N ASP B 82 23.97 8.83 -18.96
CA ASP B 82 25.23 9.36 -18.47
C ASP B 82 25.01 10.32 -17.31
N PRO B 83 25.42 9.94 -16.07
CA PRO B 83 25.12 10.80 -14.90
C PRO B 83 25.67 12.18 -15.05
N ALA B 84 26.84 12.30 -15.66
CA ALA B 84 27.50 13.58 -15.76
C ALA B 84 26.70 14.51 -16.65
N GLN B 85 26.07 14.00 -17.71
CA GLN B 85 25.29 14.88 -18.57
C GLN B 85 24.06 15.43 -17.81
N VAL B 86 23.46 14.61 -16.94
CA VAL B 86 22.31 15.12 -16.20
C VAL B 86 22.74 16.22 -15.25
N ARG B 87 23.80 15.97 -14.50
CA ARG B 87 24.28 16.96 -13.55
C ARG B 87 24.62 18.25 -14.26
N GLN B 88 25.31 18.16 -15.39
CA GLN B 88 25.69 19.38 -16.10
C GLN B 88 24.47 20.07 -16.72
N ALA B 89 23.44 19.32 -17.12
CA ALA B 89 22.25 19.99 -17.65
C ALA B 89 21.58 20.83 -16.57
N VAL B 90 21.44 20.26 -15.37
CA VAL B 90 20.82 21.01 -14.27
C VAL B 90 21.67 22.24 -13.98
N GLU B 91 22.99 22.08 -13.93
CA GLU B 91 23.86 23.22 -13.63
C GLU B 91 23.72 24.30 -14.70
N GLN B 92 23.61 23.92 -15.98
CA GLN B 92 23.44 24.93 -17.02
C GLN B 92 22.11 25.62 -16.88
N ALA B 93 21.06 24.86 -16.58
CA ALA B 93 19.76 25.50 -16.43
C ALA B 93 19.83 26.50 -15.29
N ILE B 94 20.52 26.14 -14.23
CA ILE B 94 20.64 27.05 -13.16
C ILE B 94 21.38 28.32 -13.56
N VAL B 95 22.44 28.22 -14.33
CA VAL B 95 23.17 29.40 -14.72
C VAL B 95 22.34 30.31 -15.57
N GLN B 96 21.65 29.73 -16.50
CA GLN B 96 20.77 30.42 -17.39
C GLN B 96 19.47 31.02 -16.84
N LEU B 97 18.80 30.30 -15.97
CA LEU B 97 17.48 30.74 -15.46
C LEU B 97 17.42 31.01 -13.96
N GLY B 98 18.42 30.60 -13.18
CA GLY B 98 18.39 30.73 -11.74
C GLY B 98 18.05 29.42 -11.11
N PRO B 99 18.03 29.34 -9.78
CA PRO B 99 17.76 28.05 -9.10
C PRO B 99 16.41 27.47 -9.52
N VAL B 100 16.31 26.15 -9.63
CA VAL B 100 15.06 25.57 -10.11
C VAL B 100 14.07 25.38 -8.96
N ASP B 101 12.85 25.86 -9.17
CA ASP B 101 11.79 25.69 -8.19
C ASP B 101 11.10 24.34 -8.34
N VAL B 102 10.91 23.91 -9.58
CA VAL B 102 10.12 22.75 -9.86
C VAL B 102 11.00 21.81 -10.67
N LEU B 103 11.33 20.66 -10.10
CA LEU B 103 12.09 19.66 -10.83
C LEU B 103 11.18 18.49 -11.17
N VAL B 104 11.11 18.14 -12.45
CA VAL B 104 10.25 17.07 -12.91
C VAL B 104 11.11 16.00 -13.59
N ASN B 105 11.24 14.86 -12.94
CA ASN B 105 11.99 13.75 -13.52
C ASN B 105 11.06 12.91 -14.39
N ASN B 106 11.09 13.12 -15.69
CA ASN B 106 10.18 12.41 -16.58
C ASN B 106 10.86 11.45 -17.56
N ALA B 107 12.04 11.75 -18.08
CA ALA B 107 12.60 10.86 -19.09
C ALA B 107 12.70 9.43 -18.55
N GLY B 108 12.36 8.44 -19.38
CA GLY B 108 12.38 7.07 -18.89
C GLY B 108 12.56 6.10 -20.02
N ILE B 109 12.88 4.85 -19.67
CA ILE B 109 12.99 3.79 -20.67
C ILE B 109 12.21 2.55 -20.19
N PHE B 110 11.58 1.87 -21.11
CA PHE B 110 10.72 0.73 -20.86
C PHE B 110 11.28 -0.45 -21.65
N LEU B 111 11.98 -1.36 -21.00
CA LEU B 111 12.47 -2.57 -21.64
C LEU B 111 11.75 -3.75 -21.04
N ALA B 112 10.94 -4.41 -21.81
CA ALA B 112 10.16 -5.54 -21.34
C ALA B 112 10.52 -6.80 -22.12
N GLY B 113 10.25 -7.97 -21.53
CA GLY B 113 10.51 -9.23 -22.21
C GLY B 113 10.74 -10.37 -21.23
N PRO B 114 11.02 -11.56 -21.76
CA PRO B 114 11.17 -12.73 -20.88
C PRO B 114 12.31 -12.55 -19.90
N LEU B 115 12.13 -13.08 -18.69
CA LEU B 115 13.13 -12.83 -17.67
C LEU B 115 14.50 -13.40 -18.05
N GLY B 116 14.53 -14.52 -18.77
CA GLY B 116 15.81 -15.12 -19.08
C GLY B 116 16.58 -14.39 -20.16
N GLU B 117 15.90 -13.54 -20.93
CA GLU B 117 16.57 -12.76 -21.96
C GLU B 117 17.07 -11.41 -21.47
N VAL B 118 16.81 -11.01 -20.23
CA VAL B 118 17.33 -9.72 -19.79
C VAL B 118 18.85 -9.78 -19.76
N THR B 119 19.51 -8.78 -20.34
CA THR B 119 20.96 -8.68 -20.39
C THR B 119 21.44 -7.69 -19.35
N LEU B 120 22.74 -7.73 -19.07
CA LEU B 120 23.23 -6.73 -18.15
C LEU B 120 23.14 -5.33 -18.76
N ASP B 121 23.23 -5.21 -20.08
CA ASP B 121 23.01 -3.91 -20.68
C ASP B 121 21.57 -3.41 -20.44
N ASP B 122 20.59 -4.32 -20.48
CA ASP B 122 19.21 -3.96 -20.15
C ASP B 122 19.11 -3.43 -18.73
N TYR B 123 19.75 -4.13 -17.80
CA TYR B 123 19.70 -3.76 -16.41
C TYR B 123 20.42 -2.43 -16.18
N GLU B 124 21.64 -2.31 -16.71
CA GLU B 124 22.40 -1.09 -16.47
C GLU B 124 21.67 0.10 -17.06
N ARG B 125 21.19 -0.05 -18.29
CA ARG B 125 20.55 1.07 -18.96
C ARG B 125 19.23 1.45 -18.29
N THR B 126 18.42 0.46 -17.92
CA THR B 126 17.18 0.72 -17.20
C THR B 126 17.42 1.37 -15.83
N MET B 127 18.43 0.90 -15.08
CA MET B 127 18.67 1.47 -13.75
C MET B 127 19.30 2.87 -13.83
N ASN B 128 20.20 3.10 -14.80
CA ASN B 128 20.77 4.43 -14.96
C ASN B 128 19.74 5.45 -15.41
N ILE B 129 18.86 5.07 -16.31
CA ILE B 129 17.94 6.05 -16.87
C ILE B 129 16.79 6.27 -15.90
N ASN B 130 16.22 5.19 -15.34
CA ASN B 130 15.02 5.31 -14.52
C ASN B 130 15.29 5.61 -13.05
N VAL B 131 16.50 5.39 -12.57
CA VAL B 131 16.75 5.53 -11.15
C VAL B 131 17.87 6.50 -10.83
N ARG B 132 19.07 6.27 -11.40
CA ARG B 132 20.21 7.11 -11.06
C ARG B 132 20.02 8.53 -11.58
N ALA B 133 19.58 8.69 -12.84
CA ALA B 133 19.46 10.02 -13.42
C ALA B 133 18.53 10.90 -12.58
N PRO B 134 17.34 10.45 -12.17
CA PRO B 134 16.54 11.28 -11.26
C PRO B 134 17.25 11.63 -9.95
N PHE B 135 17.97 10.70 -9.38
CA PHE B 135 18.65 10.98 -8.13
C PHE B 135 19.74 12.01 -8.34
N VAL B 136 20.42 11.92 -9.48
CA VAL B 136 21.47 12.87 -9.79
C VAL B 136 20.89 14.26 -10.07
N ALA B 137 19.78 14.36 -10.83
CA ALA B 137 19.17 15.69 -11.04
C ALA B 137 18.72 16.32 -9.73
N ILE B 138 18.11 15.53 -8.84
CA ILE B 138 17.65 16.03 -7.54
C ILE B 138 18.82 16.50 -6.73
N GLN B 139 19.90 15.72 -6.75
CA GLN B 139 21.09 16.07 -5.99
C GLN B 139 21.71 17.35 -6.49
N ALA B 140 21.62 17.60 -7.81
CA ALA B 140 22.13 18.85 -8.38
C ALA B 140 21.23 20.03 -8.05
N ALA B 141 19.92 19.83 -8.15
CA ALA B 141 19.03 20.96 -7.98
C ALA B 141 18.77 21.30 -6.51
N GLN B 142 18.88 20.33 -5.60
CA GLN B 142 18.39 20.55 -4.23
C GLN B 142 19.18 21.56 -3.42
N ALA B 143 20.48 21.74 -3.66
CA ALA B 143 21.26 22.59 -2.76
C ALA B 143 20.74 24.02 -2.75
N SER B 144 20.30 24.52 -3.90
CA SER B 144 19.89 25.90 -4.04
C SER B 144 18.43 26.00 -4.40
N MET B 145 17.69 24.92 -4.25
CA MET B 145 16.28 24.98 -4.50
C MET B 145 15.64 25.92 -3.50
N PRO B 146 14.85 26.89 -3.95
CA PRO B 146 14.21 27.82 -3.02
C PRO B 146 13.21 27.11 -2.10
N ASP B 147 13.05 27.67 -0.90
CA ASP B 147 12.11 27.08 0.03
C ASP B 147 10.76 27.04 -0.64
N GLY B 148 10.01 25.98 -0.38
CA GLY B 148 8.76 25.77 -1.07
C GLY B 148 8.86 25.13 -2.45
N GLY B 149 10.01 24.60 -2.84
CA GLY B 149 10.16 24.00 -4.15
C GLY B 149 9.45 22.65 -4.25
N ARG B 150 9.48 22.09 -5.48
CA ARG B 150 8.76 20.85 -5.80
C ARG B 150 9.62 19.89 -6.59
N ILE B 151 9.59 18.63 -6.17
CA ILE B 151 10.22 17.55 -6.90
C ILE B 151 9.13 16.58 -7.27
N ILE B 152 9.03 16.24 -8.54
CA ILE B 152 7.98 15.36 -9.02
C ILE B 152 8.62 14.28 -9.88
N ASN B 153 8.59 13.06 -9.42
CA ASN B 153 9.05 11.94 -10.20
C ASN B 153 7.91 11.29 -10.96
N ILE B 154 8.17 10.90 -12.21
CA ILE B 154 7.20 10.16 -13.00
C ILE B 154 7.50 8.68 -12.85
N GLY B 155 6.60 7.97 -12.17
CA GLY B 155 6.74 6.57 -11.90
C GLY B 155 6.02 5.75 -12.94
N SER B 156 5.19 4.81 -12.50
CA SER B 156 4.38 4.02 -13.40
C SER B 156 3.45 3.17 -12.57
N CYS B 157 2.33 2.80 -13.16
CA CYS B 157 1.42 1.92 -12.45
C CYS B 157 2.04 0.54 -12.20
N LEU B 158 2.98 0.13 -13.05
CA LEU B 158 3.66 -1.15 -12.89
C LEU B 158 4.56 -1.15 -11.67
N ALA B 159 4.93 0.02 -11.15
CA ALA B 159 5.63 0.04 -9.87
C ALA B 159 4.75 -0.52 -8.75
N GLU B 160 3.45 -0.31 -8.80
CA GLU B 160 2.68 -0.84 -7.70
C GLU B 160 2.06 -2.19 -8.00
N ARG B 161 1.82 -2.50 -9.27
CA ARG B 161 1.25 -3.80 -9.62
C ARG B 161 1.87 -4.23 -10.94
N ALA B 162 2.61 -5.35 -10.94
CA ALA B 162 3.17 -5.80 -12.22
C ALA B 162 2.07 -6.27 -13.14
N GLY B 163 1.13 -7.07 -12.61
CA GLY B 163 -0.05 -7.50 -13.31
C GLY B 163 0.17 -8.58 -14.35
N ARG B 164 1.35 -8.61 -14.94
CA ARG B 164 1.64 -9.53 -16.03
C ARG B 164 3.11 -9.91 -16.00
N ALA B 165 3.42 -10.93 -16.79
CA ALA B 165 4.79 -11.33 -17.03
C ALA B 165 5.49 -10.38 -18.01
N GLY B 166 6.81 -10.28 -17.86
CA GLY B 166 7.66 -9.52 -18.76
C GLY B 166 8.06 -8.12 -18.34
N VAL B 167 7.65 -7.62 -17.16
CA VAL B 167 7.94 -6.23 -16.80
C VAL B 167 8.73 -6.14 -15.48
N THR B 168 9.41 -7.24 -15.11
CA THR B 168 10.10 -7.32 -13.83
C THR B 168 11.15 -6.23 -13.69
N LEU B 169 12.01 -6.11 -14.69
CA LEU B 169 13.09 -5.15 -14.57
C LEU B 169 12.55 -3.73 -14.56
N TYR B 170 11.59 -3.43 -15.44
CA TYR B 170 11.04 -2.10 -15.48
C TYR B 170 10.31 -1.78 -14.17
N ALA B 171 9.57 -2.77 -13.64
CA ALA B 171 8.79 -2.53 -12.42
C ALA B 171 9.69 -2.22 -11.23
N ALA B 172 10.83 -2.90 -11.14
CA ALA B 172 11.79 -2.67 -10.08
C ALA B 172 12.41 -1.28 -10.20
N SER B 173 12.66 -0.86 -11.45
CA SER B 173 13.26 0.45 -11.61
C SER B 173 12.29 1.51 -11.14
N LYS B 174 11.00 1.29 -11.37
CA LYS B 174 9.96 2.27 -11.03
C LYS B 174 9.56 2.21 -9.58
N SER B 175 9.49 1.01 -8.98
CA SER B 175 9.23 1.01 -7.54
C SER B 175 10.40 1.58 -6.75
N ALA B 176 11.60 1.66 -7.35
CA ALA B 176 12.70 2.36 -6.67
C ALA B 176 12.37 3.82 -6.36
N LEU B 177 11.50 4.48 -7.17
CA LEU B 177 11.17 5.88 -6.91
C LEU B 177 10.27 6.05 -5.67
N LEU B 178 9.55 5.01 -5.23
CA LEU B 178 8.70 5.17 -4.07
C LEU B 178 9.55 5.47 -2.83
N GLY B 179 10.51 4.60 -2.54
CA GLY B 179 11.42 4.84 -1.41
C GLY B 179 12.26 6.09 -1.59
N MET B 180 12.71 6.38 -2.80
CA MET B 180 13.50 7.61 -2.98
C MET B 180 12.64 8.83 -2.66
N THR B 181 11.38 8.83 -3.15
CA THR B 181 10.49 9.97 -2.97
C THR B 181 10.08 10.14 -1.52
N ARG B 182 9.79 9.05 -0.84
CA ARG B 182 9.43 9.18 0.59
C ARG B 182 10.64 9.66 1.42
N GLY B 183 11.86 9.16 1.12
CA GLY B 183 13.03 9.66 1.83
C GLY B 183 13.34 11.13 1.54
N LEU B 184 13.12 11.57 0.29
CA LEU B 184 13.27 12.98 -0.07
C LEU B 184 12.25 13.84 0.66
N ALA B 185 11.02 13.36 0.80
CA ALA B 185 10.06 14.18 1.52
C ALA B 185 10.53 14.38 2.94
N ARG B 186 11.15 13.37 3.54
CA ARG B 186 11.73 13.59 4.86
C ARG B 186 12.99 14.45 4.78
N ASP B 187 13.84 14.22 3.79
CA ASP B 187 15.11 14.93 3.79
C ASP B 187 14.89 16.43 3.64
N LEU B 188 13.86 16.84 2.87
CA LEU B 188 13.73 18.23 2.44
C LEU B 188 12.53 18.97 3.00
N GLY B 189 11.65 18.31 3.74
CA GLY B 189 10.41 18.94 4.16
C GLY B 189 10.64 20.12 5.09
N ALA B 190 11.74 20.14 5.82
CA ALA B 190 11.98 21.29 6.68
C ALA B 190 12.16 22.58 5.90
N ARG B 191 12.50 22.52 4.61
CA ARG B 191 12.59 23.69 3.75
C ARG B 191 11.30 23.95 3.00
N GLY B 192 10.26 23.17 3.26
CA GLY B 192 8.98 23.31 2.59
C GLY B 192 8.95 22.63 1.24
N ILE B 193 10.05 21.99 0.85
CA ILE B 193 10.11 21.33 -0.45
C ILE B 193 9.25 20.07 -0.39
N THR B 194 8.48 19.83 -1.43
CA THR B 194 7.74 18.59 -1.50
C THR B 194 8.37 17.65 -2.55
N ALA B 195 8.14 16.34 -2.37
CA ALA B 195 8.60 15.32 -3.29
C ALA B 195 7.49 14.30 -3.45
N ASN B 196 7.04 14.06 -4.68
CA ASN B 196 5.96 13.10 -4.92
C ASN B 196 6.27 12.32 -6.20
N VAL B 197 5.67 11.15 -6.34
CA VAL B 197 5.79 10.35 -7.55
C VAL B 197 4.42 10.23 -8.21
N VAL B 198 4.35 10.49 -9.50
CA VAL B 198 3.09 10.33 -10.21
C VAL B 198 3.14 9.03 -11.02
N HIS B 199 2.07 8.24 -10.99
CA HIS B 199 2.02 6.96 -11.70
C HIS B 199 1.07 7.02 -12.88
N PRO B 200 1.55 7.18 -14.12
CA PRO B 200 0.65 7.06 -15.24
C PRO B 200 0.12 5.64 -15.33
N GLY B 201 -1.14 5.52 -15.76
CA GLY B 201 -1.70 4.30 -16.31
C GLY B 201 -1.40 4.31 -17.80
N PRO B 202 -2.04 3.49 -18.62
CA PRO B 202 -1.75 3.56 -20.07
C PRO B 202 -2.14 4.92 -20.61
N ILE B 203 -1.20 5.53 -21.33
CA ILE B 203 -1.28 6.90 -21.85
C ILE B 203 -0.86 6.86 -23.32
N ASP B 204 -1.66 7.46 -24.20
CA ASP B 204 -1.41 7.38 -25.64
C ASP B 204 -0.18 8.23 -26.04
N THR B 205 0.97 7.60 -26.23
CA THR B 205 2.18 8.30 -26.66
C THR B 205 2.94 7.42 -27.64
N ASP B 206 4.14 7.84 -28.01
CA ASP B 206 4.97 7.08 -28.95
C ASP B 206 5.42 5.75 -28.40
N MET B 207 5.86 5.71 -27.15
CA MET B 207 6.23 4.48 -26.44
C MET B 207 5.06 3.52 -26.17
N ASN B 208 3.87 4.05 -25.90
CA ASN B 208 2.70 3.20 -25.67
C ASN B 208 1.53 3.63 -26.56
N PRO B 209 1.57 3.29 -27.85
CA PRO B 209 0.45 3.71 -28.68
C PRO B 209 -0.84 3.05 -28.22
N ALA B 210 -1.93 3.80 -28.33
CA ALA B 210 -3.25 3.29 -27.96
C ALA B 210 -3.75 2.23 -28.92
N ASP B 211 -3.20 2.18 -30.14
CA ASP B 211 -3.65 1.26 -31.17
C ASP B 211 -2.66 0.12 -31.42
N GLY B 212 -1.73 -0.14 -30.50
CA GLY B 212 -0.86 -1.28 -30.68
C GLY B 212 -1.63 -2.57 -30.53
N GLU B 213 -1.13 -3.65 -31.15
CA GLU B 213 -1.93 -4.86 -31.16
C GLU B 213 -2.19 -5.36 -29.75
N ARG B 214 -1.29 -5.07 -28.80
CA ARG B 214 -1.47 -5.46 -27.40
C ARG B 214 -2.35 -4.48 -26.62
N SER B 215 -2.69 -3.32 -27.18
CA SER B 215 -3.36 -2.26 -26.41
C SER B 215 -4.75 -2.67 -25.94
N GLY B 216 -5.44 -3.54 -26.68
CA GLY B 216 -6.81 -3.87 -26.33
C GLY B 216 -6.94 -4.69 -25.06
N GLU B 217 -5.98 -5.62 -24.82
CA GLU B 217 -6.06 -6.44 -23.61
C GLU B 217 -5.78 -5.61 -22.37
N LEU B 218 -5.05 -4.51 -22.54
CA LEU B 218 -4.79 -3.62 -21.42
C LEU B 218 -6.01 -2.80 -21.05
N VAL B 219 -6.75 -2.28 -22.05
CA VAL B 219 -7.96 -1.53 -21.73
C VAL B 219 -8.92 -2.39 -20.95
N ALA B 220 -8.90 -3.70 -21.20
CA ALA B 220 -9.86 -4.63 -20.63
C ALA B 220 -9.76 -4.69 -19.11
N VAL B 221 -8.62 -4.28 -18.53
CA VAL B 221 -8.42 -4.31 -17.09
C VAL B 221 -8.50 -2.92 -16.45
N LEU B 222 -8.87 -1.88 -17.19
CA LEU B 222 -8.97 -0.54 -16.60
C LEU B 222 -10.39 -0.33 -16.02
N SER B 223 -10.51 0.65 -15.11
CA SER B 223 -11.85 1.04 -14.65
C SER B 223 -12.56 1.95 -15.66
N LEU B 224 -11.83 2.90 -16.21
CA LEU B 224 -12.25 3.67 -17.37
C LEU B 224 -11.82 2.92 -18.62
N PRO B 225 -12.72 2.66 -19.56
CA PRO B 225 -12.39 1.74 -20.68
C PRO B 225 -11.66 2.41 -21.84
N HIS B 226 -10.52 3.04 -21.55
CA HIS B 226 -9.73 3.68 -22.62
C HIS B 226 -8.38 4.11 -22.08
N TYR B 227 -7.42 4.28 -22.98
CA TYR B 227 -6.18 4.95 -22.64
C TYR B 227 -6.43 6.38 -22.19
N GLY B 228 -5.58 6.87 -21.30
CA GLY B 228 -5.50 8.28 -20.97
C GLY B 228 -4.67 9.06 -21.99
N GLU B 229 -4.46 10.35 -21.71
CA GLU B 229 -3.72 11.23 -22.61
C GLU B 229 -2.70 12.09 -21.87
N VAL B 230 -1.75 12.64 -22.64
CA VAL B 230 -0.60 13.27 -22.01
C VAL B 230 -1.03 14.43 -21.13
N ARG B 231 -2.12 15.12 -21.46
CA ARG B 231 -2.58 16.20 -20.59
C ARG B 231 -3.00 15.70 -19.21
N ASP B 232 -3.41 14.43 -19.09
CA ASP B 232 -3.78 13.93 -17.78
C ASP B 232 -2.56 13.89 -16.86
N ILE B 233 -1.39 13.55 -17.42
CA ILE B 233 -0.22 13.61 -16.55
C ILE B 233 0.20 15.06 -16.34
N ALA B 234 0.16 15.86 -17.42
CA ALA B 234 0.59 17.24 -17.26
C ALA B 234 -0.26 17.95 -16.22
N GLY B 235 -1.57 17.68 -16.18
CA GLY B 235 -2.40 18.32 -15.18
C GLY B 235 -2.06 17.87 -13.77
N MET B 236 -1.77 16.58 -13.58
CA MET B 236 -1.41 16.19 -12.24
C MET B 236 -0.11 16.86 -11.85
N VAL B 237 0.84 16.98 -12.80
CA VAL B 237 2.12 17.63 -12.47
C VAL B 237 1.91 19.09 -12.14
N ALA B 238 1.07 19.78 -12.90
CA ALA B 238 0.81 21.18 -12.61
C ALA B 238 0.19 21.38 -11.22
N PHE B 239 -0.69 20.47 -10.83
CA PHE B 239 -1.29 20.60 -9.51
C PHE B 239 -0.22 20.48 -8.43
N LEU B 240 0.73 19.55 -8.59
CA LEU B 240 1.76 19.40 -7.56
C LEU B 240 2.73 20.57 -7.58
N ALA B 241 3.01 21.11 -8.75
CA ALA B 241 3.95 22.20 -8.86
C ALA B 241 3.44 23.48 -8.24
N GLY B 242 2.11 23.69 -8.21
CA GLY B 242 1.52 24.95 -7.83
C GLY B 242 1.04 25.10 -6.40
N PRO B 243 0.30 26.17 -6.13
CA PRO B 243 -0.15 26.45 -4.74
C PRO B 243 -0.97 25.35 -4.13
N ASP B 244 -1.74 24.61 -4.90
CA ASP B 244 -2.56 23.57 -4.28
C ASP B 244 -1.74 22.35 -3.87
N GLY B 245 -0.51 22.21 -4.35
CA GLY B 245 0.27 21.07 -3.95
C GLY B 245 1.07 21.26 -2.70
N ARG B 246 0.97 22.45 -2.06
CA ARG B 246 1.96 22.87 -1.06
C ARG B 246 2.01 21.95 0.15
N TYR B 247 0.91 21.26 0.46
CA TYR B 247 0.87 20.34 1.60
C TYR B 247 0.88 18.86 1.19
N VAL B 248 1.05 18.54 -0.09
CA VAL B 248 1.16 17.17 -0.56
C VAL B 248 2.64 16.79 -0.62
N THR B 249 3.04 15.74 0.10
CA THR B 249 4.44 15.38 -0.05
C THR B 249 4.65 13.93 0.37
N GLY B 250 5.54 13.24 -0.34
CA GLY B 250 5.77 11.84 -0.07
C GLY B 250 4.69 10.91 -0.58
N ALA B 251 3.78 11.40 -1.42
CA ALA B 251 2.61 10.64 -1.85
C ALA B 251 2.92 9.95 -3.19
N SER B 252 2.20 8.86 -3.43
CA SER B 252 2.12 8.22 -4.74
C SER B 252 0.77 8.51 -5.33
N LEU B 253 0.73 9.17 -6.49
CA LEU B 253 -0.53 9.62 -7.07
C LEU B 253 -0.81 8.91 -8.38
N ALA B 254 -1.81 8.02 -8.39
CA ALA B 254 -2.10 7.26 -9.59
C ALA B 254 -2.98 8.06 -10.53
N VAL B 255 -2.54 8.20 -11.77
CA VAL B 255 -3.31 8.77 -12.85
C VAL B 255 -3.42 7.67 -13.90
N ASP B 256 -4.14 6.59 -13.55
CA ASP B 256 -4.00 5.30 -14.23
C ASP B 256 -5.32 4.75 -14.75
N GLY B 257 -6.38 5.56 -14.79
CA GLY B 257 -7.66 5.07 -15.26
C GLY B 257 -8.24 3.97 -14.39
N GLY B 258 -7.87 3.89 -13.12
CA GLY B 258 -8.38 2.77 -12.34
C GLY B 258 -7.72 1.42 -12.57
N PHE B 259 -6.50 1.40 -13.14
CA PHE B 259 -5.78 0.14 -13.35
C PHE B 259 -5.58 -0.58 -12.02
N ALA B 260 -5.30 0.17 -10.96
CA ALA B 260 -4.99 -0.45 -9.68
C ALA B 260 -6.21 -0.75 -8.84
N ALA B 261 -7.40 -0.26 -9.20
CA ALA B 261 -8.54 -0.22 -8.28
C ALA B 261 -8.97 -1.60 -7.81
N GLN C 15 10.88 -33.22 8.37
CA GLN C 15 11.77 -32.26 7.74
C GLN C 15 11.03 -31.61 6.60
N ASN C 16 10.65 -30.36 6.73
CA ASN C 16 9.86 -29.82 5.64
C ASN C 16 10.70 -29.52 4.40
N LEU C 17 12.01 -29.30 4.56
CA LEU C 17 12.89 -29.01 3.44
C LEU C 17 13.84 -30.16 3.07
N ASN C 18 13.58 -31.38 3.55
CA ASN C 18 14.46 -32.50 3.24
C ASN C 18 14.59 -32.69 1.73
N GLY C 19 15.82 -32.87 1.27
CA GLY C 19 16.05 -33.02 -0.15
C GLY C 19 16.04 -31.72 -0.96
N LYS C 20 15.92 -30.57 -0.31
CA LYS C 20 15.96 -29.34 -1.04
C LYS C 20 17.30 -28.67 -0.86
N VAL C 21 17.66 -27.83 -1.82
CA VAL C 21 18.89 -27.04 -1.79
C VAL C 21 18.51 -25.59 -1.57
N ALA C 22 19.19 -24.92 -0.64
CA ALA C 22 18.93 -23.51 -0.42
C ALA C 22 20.21 -22.72 -0.67
N PHE C 23 20.06 -21.52 -1.29
CA PHE C 23 21.16 -20.58 -1.52
C PHE C 23 20.89 -19.26 -0.82
N VAL C 24 21.87 -18.76 -0.06
CA VAL C 24 21.67 -17.58 0.80
C VAL C 24 22.86 -16.63 0.70
N THR C 25 22.65 -15.43 0.17
CA THR C 25 23.72 -14.42 0.21
C THR C 25 23.87 -13.83 1.61
N GLY C 26 25.11 -13.56 2.02
CA GLY C 26 25.36 -12.93 3.30
C GLY C 26 25.02 -13.82 4.46
N GLY C 27 25.32 -15.13 4.37
CA GLY C 27 24.98 -16.10 5.36
C GLY C 27 25.92 -16.23 6.52
N SER C 28 27.01 -15.46 6.58
CA SER C 28 28.00 -15.64 7.65
C SER C 28 27.59 -15.04 8.99
N ARG C 29 26.71 -14.06 9.04
CA ARG C 29 26.37 -13.51 10.35
C ARG C 29 25.06 -12.76 10.27
N GLY C 30 24.60 -12.31 11.45
CA GLY C 30 23.38 -11.54 11.52
C GLY C 30 22.18 -12.36 11.07
N ILE C 31 21.26 -11.70 10.38
CA ILE C 31 20.04 -12.36 9.94
C ILE C 31 20.37 -13.50 9.01
N GLY C 32 21.41 -13.35 8.19
CA GLY C 32 21.71 -14.34 7.17
C GLY C 32 22.18 -15.64 7.80
N ALA C 33 22.95 -15.54 8.87
CA ALA C 33 23.34 -16.73 9.60
C ALA C 33 22.14 -17.43 10.23
N ALA C 34 21.18 -16.66 10.80
CA ALA C 34 20.03 -17.31 11.44
C ALA C 34 19.18 -18.04 10.41
N ILE C 35 19.07 -17.47 9.19
CA ILE C 35 18.35 -18.12 8.09
C ILE C 35 19.04 -19.44 7.69
N VAL C 36 20.37 -19.44 7.57
CA VAL C 36 21.02 -20.69 7.16
C VAL C 36 20.84 -21.75 8.24
N ARG C 37 20.94 -21.36 9.52
CA ARG C 37 20.71 -22.35 10.57
C ARG C 37 19.28 -22.87 10.51
N ARG C 38 18.32 -22.00 10.24
CA ARG C 38 16.93 -22.44 10.31
C ARG C 38 16.60 -23.34 9.14
N LEU C 39 17.01 -22.97 7.92
CA LEU C 39 16.71 -23.79 6.75
C LEU C 39 17.42 -25.15 6.79
N ALA C 40 18.64 -25.19 7.33
CA ALA C 40 19.32 -26.48 7.48
C ALA C 40 18.62 -27.32 8.55
N ALA C 41 18.23 -26.67 9.65
CA ALA C 41 17.54 -27.38 10.71
C ALA C 41 16.21 -27.95 10.23
N ASP C 42 15.58 -27.30 9.24
CA ASP C 42 14.41 -27.83 8.54
C ASP C 42 14.78 -28.86 7.47
N GLY C 43 16.10 -29.13 7.24
CA GLY C 43 16.59 -30.21 6.39
C GLY C 43 17.20 -29.85 5.02
N ALA C 44 17.31 -28.57 4.67
CA ALA C 44 17.89 -28.15 3.41
C ALA C 44 19.43 -28.22 3.44
N ASP C 45 20.02 -28.69 2.34
CA ASP C 45 21.44 -28.43 2.08
C ASP C 45 21.59 -26.96 1.73
N ILE C 46 22.68 -26.34 2.21
CA ILE C 46 22.81 -24.89 2.21
C ILE C 46 24.11 -24.47 1.54
N ALA C 47 24.04 -23.51 0.64
CA ALA C 47 25.19 -22.75 0.18
C ALA C 47 24.95 -21.27 0.48
N PHE C 48 26.01 -20.58 0.92
CA PHE C 48 25.85 -19.17 1.30
C PHE C 48 27.13 -18.40 1.04
N THR C 49 26.99 -17.07 0.92
CA THR C 49 28.10 -16.19 0.60
C THR C 49 28.52 -15.29 1.77
N TYR C 50 29.73 -14.83 1.68
CA TYR C 50 30.34 -13.90 2.59
C TYR C 50 31.30 -13.01 1.78
N VAL C 51 31.63 -11.86 2.26
CA VAL C 51 32.54 -11.02 1.53
C VAL C 51 33.88 -10.76 2.18
N SER C 52 33.92 -10.39 3.42
CA SER C 52 35.17 -10.07 4.03
C SER C 52 36.07 -11.24 4.35
N ALA C 53 37.35 -11.07 4.17
CA ALA C 53 38.26 -12.13 4.55
C ALA C 53 38.17 -12.37 6.05
N SER C 54 37.78 -11.34 6.82
CA SER C 54 37.61 -11.51 8.27
C SER C 54 36.51 -12.52 8.63
N SER C 55 35.55 -12.76 7.72
CA SER C 55 34.45 -13.71 7.92
C SER C 55 34.76 -15.14 7.47
N LYS C 56 35.94 -15.37 6.91
CA LYS C 56 36.28 -16.69 6.40
C LYS C 56 36.27 -17.74 7.51
N ASN C 57 36.75 -17.38 8.72
CA ASN C 57 36.77 -18.36 9.80
C ASN C 57 35.35 -18.67 10.25
N VAL C 58 34.57 -17.62 10.49
CA VAL C 58 33.20 -17.74 10.93
C VAL C 58 32.37 -18.53 9.90
N ALA C 59 32.60 -18.26 8.62
CA ALA C 59 31.83 -18.94 7.59
C ALA C 59 32.14 -20.42 7.56
N THR C 60 33.43 -20.80 7.59
CA THR C 60 33.76 -22.23 7.55
C THR C 60 33.42 -22.92 8.87
N ALA C 61 33.44 -22.22 9.99
CA ALA C 61 32.89 -22.84 11.20
C ALA C 61 31.40 -23.09 11.04
N LEU C 62 30.69 -22.20 10.39
CA LEU C 62 29.26 -22.43 10.25
C LEU C 62 28.99 -23.67 9.42
N VAL C 63 29.79 -23.86 8.34
CA VAL C 63 29.62 -25.03 7.46
C VAL C 63 29.85 -26.33 8.23
N GLN C 64 30.89 -26.39 9.08
CA GLN C 64 31.10 -27.62 9.85
C GLN C 64 29.99 -27.84 10.86
N GLU C 65 29.42 -26.77 11.41
CA GLU C 65 28.30 -26.92 12.33
C GLU C 65 27.12 -27.59 11.63
N LEU C 66 26.88 -27.24 10.38
CA LEU C 66 25.78 -27.88 9.66
C LEU C 66 26.15 -29.33 9.28
N GLU C 67 27.40 -29.56 8.84
CA GLU C 67 27.79 -30.92 8.48
C GLU C 67 27.74 -31.81 9.71
N ALA C 68 28.12 -31.26 10.87
CA ALA C 68 28.04 -32.02 12.10
C ALA C 68 26.60 -32.29 12.48
N LYS C 69 25.65 -31.56 11.95
CA LYS C 69 24.29 -31.98 12.09
C LYS C 69 23.81 -32.83 10.91
N GLY C 70 24.71 -33.22 10.01
CA GLY C 70 24.39 -34.07 8.88
C GLY C 70 23.89 -33.40 7.61
N ARG C 71 23.97 -32.09 7.50
CA ARG C 71 23.58 -31.38 6.30
C ARG C 71 24.81 -31.11 5.44
N ARG C 72 24.64 -31.17 4.13
CA ARG C 72 25.71 -30.66 3.28
C ARG C 72 25.64 -29.14 3.23
N ALA C 73 26.79 -28.48 3.26
CA ALA C 73 26.77 -27.02 3.23
C ALA C 73 28.09 -26.50 2.64
N ARG C 74 28.02 -25.40 1.92
CA ARG C 74 29.20 -24.77 1.33
C ARG C 74 29.16 -23.25 1.52
N ALA C 75 30.32 -22.70 1.89
CA ALA C 75 30.53 -21.27 2.03
C ALA C 75 31.38 -20.78 0.85
N ILE C 76 30.91 -19.75 0.16
CA ILE C 76 31.56 -19.24 -1.06
C ILE C 76 31.84 -17.75 -0.86
N GLN C 77 33.08 -17.35 -1.02
CA GLN C 77 33.37 -15.92 -0.95
C GLN C 77 32.97 -15.26 -2.27
N ALA C 78 32.06 -14.29 -2.20
CA ALA C 78 31.53 -13.64 -3.39
C ALA C 78 31.03 -12.25 -3.01
N ASP C 79 31.71 -11.24 -3.54
CA ASP C 79 31.36 -9.85 -3.31
C ASP C 79 30.08 -9.53 -4.06
N SER C 80 29.03 -9.18 -3.34
CA SER C 80 27.77 -8.83 -3.97
C SER C 80 27.90 -7.64 -4.92
N ALA C 81 28.90 -6.76 -4.70
CA ALA C 81 29.13 -5.66 -5.65
C ALA C 81 29.48 -6.15 -7.04
N ASP C 82 30.05 -7.34 -7.17
CA ASP C 82 30.55 -7.81 -8.47
C ASP C 82 29.56 -8.79 -9.11
N PRO C 83 28.92 -8.45 -10.24
CA PRO C 83 27.92 -9.36 -10.81
C PRO C 83 28.45 -10.73 -11.16
N ALA C 84 29.71 -10.83 -11.58
CA ALA C 84 30.26 -12.15 -11.93
C ALA C 84 30.46 -13.02 -10.69
N GLN C 85 30.80 -12.42 -9.55
CA GLN C 85 31.06 -13.24 -8.37
C GLN C 85 29.77 -13.88 -7.86
N VAL C 86 28.68 -13.13 -7.88
CA VAL C 86 27.40 -13.68 -7.46
C VAL C 86 26.96 -14.75 -8.44
N ARG C 87 27.05 -14.48 -9.75
CA ARG C 87 26.66 -15.47 -10.74
C ARG C 87 27.53 -16.70 -10.63
N GLN C 88 28.84 -16.52 -10.46
CA GLN C 88 29.69 -17.70 -10.31
C GLN C 88 29.36 -18.41 -9.01
N ALA C 89 29.03 -17.65 -7.95
CA ALA C 89 28.71 -18.33 -6.70
C ALA C 89 27.48 -19.20 -6.86
N VAL C 90 26.45 -18.72 -7.54
CA VAL C 90 25.27 -19.56 -7.74
C VAL C 90 25.63 -20.77 -8.63
N GLU C 91 26.46 -20.56 -9.67
CA GLU C 91 26.81 -21.66 -10.57
C GLU C 91 27.56 -22.75 -9.82
N GLN C 92 28.43 -22.35 -8.87
CA GLN C 92 29.18 -23.31 -8.08
C GLN C 92 28.24 -24.11 -7.18
N ALA C 93 27.28 -23.45 -6.54
CA ALA C 93 26.36 -24.19 -5.69
C ALA C 93 25.50 -25.16 -6.50
N ILE C 94 25.12 -24.79 -7.72
CA ILE C 94 24.27 -25.70 -8.47
C ILE C 94 25.05 -26.98 -8.78
N VAL C 95 26.35 -26.86 -9.13
CA VAL C 95 27.10 -28.07 -9.45
C VAL C 95 27.44 -28.85 -8.19
N GLN C 96 27.72 -28.19 -7.07
CA GLN C 96 28.13 -28.92 -5.87
C GLN C 96 26.95 -29.48 -5.07
N LEU C 97 25.83 -28.75 -4.99
CA LEU C 97 24.67 -29.19 -4.23
C LEU C 97 23.43 -29.54 -5.09
N GLY C 98 23.40 -29.16 -6.37
CA GLY C 98 22.24 -29.36 -7.24
C GLY C 98 21.38 -28.10 -7.38
N PRO C 99 20.32 -28.17 -8.22
CA PRO C 99 19.53 -26.96 -8.53
C PRO C 99 18.93 -26.37 -7.26
N VAL C 100 18.93 -25.06 -7.14
CA VAL C 100 18.48 -24.50 -5.87
C VAL C 100 16.98 -24.32 -5.89
N ASP C 101 16.35 -24.82 -4.83
CA ASP C 101 14.95 -24.74 -4.48
C ASP C 101 14.64 -23.46 -3.76
N VAL C 102 15.55 -23.01 -2.91
CA VAL C 102 15.31 -21.82 -2.11
C VAL C 102 16.49 -20.87 -2.29
N LEU C 103 16.19 -19.72 -2.86
CA LEU C 103 17.13 -18.63 -3.03
C LEU C 103 16.72 -17.51 -2.08
N VAL C 104 17.65 -17.11 -1.21
CA VAL C 104 17.40 -16.05 -0.23
C VAL C 104 18.40 -14.94 -0.48
N ASN C 105 17.95 -13.81 -1.03
CA ASN C 105 18.79 -12.62 -1.20
C ASN C 105 18.75 -11.79 0.07
N ASN C 106 19.81 -11.93 0.88
CA ASN C 106 19.88 -11.33 2.19
C ASN C 106 20.99 -10.31 2.36
N ALA C 107 22.14 -10.52 1.70
CA ALA C 107 23.27 -9.61 1.90
C ALA C 107 22.85 -8.19 1.54
N GLY C 108 23.18 -7.23 2.37
CA GLY C 108 22.76 -5.88 2.06
C GLY C 108 23.65 -4.88 2.74
N ILE C 109 23.59 -3.63 2.26
CA ILE C 109 24.38 -2.58 2.88
C ILE C 109 23.47 -1.38 3.14
N PHE C 110 23.76 -0.67 4.25
CA PHE C 110 22.99 0.46 4.77
C PHE C 110 23.95 1.64 4.86
N LEU C 111 23.81 2.60 4.01
CA LEU C 111 24.61 3.77 4.05
C LEU C 111 23.66 4.87 4.24
N ALA C 112 23.75 5.58 5.34
CA ALA C 112 22.84 6.65 5.63
C ALA C 112 23.52 7.98 5.88
N GLY C 113 22.81 9.07 5.74
CA GLY C 113 23.39 10.36 5.98
C GLY C 113 22.67 11.45 5.21
N PRO C 114 23.16 12.68 5.35
CA PRO C 114 22.49 13.80 4.70
C PRO C 114 22.48 13.61 3.22
N LEU C 115 21.39 14.09 2.60
CA LEU C 115 21.20 13.91 1.16
C LEU C 115 22.31 14.58 0.34
N GLY C 116 22.80 15.73 0.82
CA GLY C 116 23.81 16.43 0.06
C GLY C 116 25.18 15.83 0.15
N GLU C 117 25.41 14.97 1.14
CA GLU C 117 26.69 14.31 1.30
C GLU C 117 26.79 12.97 0.58
N VAL C 118 25.72 12.53 -0.11
CA VAL C 118 25.72 11.27 -0.84
C VAL C 118 26.66 11.33 -2.05
N THR C 119 27.56 10.35 -2.16
CA THR C 119 28.54 10.27 -3.24
C THR C 119 28.11 9.23 -4.29
N LEU C 120 28.75 9.30 -5.46
CA LEU C 120 28.46 8.30 -6.48
C LEU C 120 28.88 6.91 -6.05
N ASP C 121 29.96 6.81 -5.27
CA ASP C 121 30.30 5.47 -4.79
C ASP C 121 29.25 4.94 -3.81
N ASP C 122 28.68 5.81 -2.97
CA ASP C 122 27.61 5.36 -2.09
C ASP C 122 26.45 4.83 -2.92
N TYR C 123 26.12 5.54 -3.97
CA TYR C 123 25.02 5.14 -4.80
C TYR C 123 25.34 3.83 -5.54
N GLU C 124 26.44 3.78 -6.28
CA GLU C 124 26.70 2.56 -7.04
C GLU C 124 26.86 1.37 -6.09
N ARG C 125 27.52 1.56 -4.96
CA ARG C 125 27.68 0.46 -4.01
C ARG C 125 26.31 0.01 -3.43
N THR C 126 25.43 0.98 -3.10
CA THR C 126 24.11 0.61 -2.58
C THR C 126 23.27 -0.12 -3.63
N MET C 127 23.24 0.40 -4.86
CA MET C 127 22.40 -0.24 -5.88
C MET C 127 23.00 -1.56 -6.36
N ASN C 128 24.33 -1.64 -6.46
CA ASN C 128 24.96 -2.89 -6.87
C ASN C 128 24.68 -3.99 -5.85
N ILE C 129 24.73 -3.66 -4.58
CA ILE C 129 24.57 -4.68 -3.56
C ILE C 129 23.11 -4.96 -3.24
N ASN C 130 22.28 -3.92 -3.07
CA ASN C 130 20.91 -4.16 -2.62
C ASN C 130 19.95 -4.52 -3.74
N VAL C 131 20.27 -4.23 -4.97
CA VAL C 131 19.33 -4.40 -6.08
C VAL C 131 19.97 -5.31 -7.13
N ARG C 132 21.15 -4.93 -7.64
CA ARG C 132 21.69 -5.72 -8.73
C ARG C 132 22.10 -7.13 -8.27
N ALA C 133 22.77 -7.27 -7.13
CA ALA C 133 23.19 -8.61 -6.69
C ALA C 133 22.00 -9.58 -6.57
N PRO C 134 20.89 -9.24 -5.88
CA PRO C 134 19.73 -10.15 -5.89
C PRO C 134 19.22 -10.49 -7.28
N PHE C 135 19.14 -9.48 -8.16
CA PHE C 135 18.65 -9.73 -9.51
C PHE C 135 19.60 -10.68 -10.25
N VAL C 136 20.90 -10.54 -10.06
CA VAL C 136 21.79 -11.45 -10.75
C VAL C 136 21.66 -12.84 -10.14
N ALA C 137 21.58 -12.93 -8.81
CA ALA C 137 21.45 -14.25 -8.23
C ALA C 137 20.18 -14.91 -8.72
N ILE C 138 19.07 -14.14 -8.82
CA ILE C 138 17.84 -14.77 -9.29
C ILE C 138 17.98 -15.23 -10.73
N GLN C 139 18.66 -14.46 -11.55
CA GLN C 139 18.77 -14.88 -12.95
C GLN C 139 19.54 -16.18 -13.08
N ALA C 140 20.60 -16.35 -12.26
CA ALA C 140 21.39 -17.57 -12.35
C ALA C 140 20.61 -18.72 -11.78
N ALA C 141 19.91 -18.49 -10.69
CA ALA C 141 19.23 -19.63 -10.09
C ALA C 141 18.01 -20.06 -10.89
N GLN C 142 17.29 -19.12 -11.50
CA GLN C 142 15.99 -19.45 -12.06
C GLN C 142 16.07 -20.38 -13.26
N ALA C 143 17.19 -20.42 -13.95
CA ALA C 143 17.25 -21.24 -15.15
C ALA C 143 16.95 -22.69 -14.84
N SER C 144 17.42 -23.18 -13.69
CA SER C 144 17.24 -24.58 -13.31
C SER C 144 16.44 -24.79 -12.04
N MET C 145 15.79 -23.77 -11.49
CA MET C 145 15.00 -23.95 -10.26
C MET C 145 13.86 -24.93 -10.50
N PRO C 146 13.71 -25.94 -9.67
CA PRO C 146 12.65 -26.92 -9.89
C PRO C 146 11.30 -26.28 -9.73
N ASP C 147 10.31 -26.86 -10.37
CA ASP C 147 8.97 -26.37 -10.19
C ASP C 147 8.70 -26.29 -8.70
N GLY C 148 7.90 -25.32 -8.30
CA GLY C 148 7.57 -25.18 -6.90
C GLY C 148 8.62 -24.51 -6.06
N GLY C 149 9.60 -23.87 -6.68
CA GLY C 149 10.67 -23.25 -5.94
C GLY C 149 10.26 -21.98 -5.29
N ARG C 150 11.20 -21.43 -4.51
CA ARG C 150 10.97 -20.26 -3.67
C ARG C 150 12.09 -19.25 -3.84
N ILE C 151 11.71 -17.98 -4.01
CA ILE C 151 12.62 -16.82 -4.03
C ILE C 151 12.21 -15.88 -2.90
N ILE C 152 13.16 -15.49 -2.08
CA ILE C 152 12.83 -14.68 -0.92
C ILE C 152 13.84 -13.55 -0.79
N ASN C 153 13.40 -12.33 -1.06
CA ASN C 153 14.21 -11.13 -0.90
C ASN C 153 14.05 -10.57 0.52
N ILE C 154 15.15 -10.17 1.15
CA ILE C 154 15.08 -9.47 2.44
C ILE C 154 15.07 -7.97 2.17
N GLY C 155 13.95 -7.32 2.43
CA GLY C 155 13.79 -5.87 2.17
C GLY C 155 14.11 -5.03 3.38
N SER C 156 13.17 -4.16 3.78
CA SER C 156 13.32 -3.32 4.96
C SER C 156 12.03 -2.57 5.21
N CYS C 157 11.73 -2.31 6.48
CA CYS C 157 10.55 -1.52 6.74
C CYS C 157 10.74 -0.13 6.14
N LEU C 158 12.01 0.31 5.97
CA LEU C 158 12.27 1.61 5.39
C LEU C 158 11.92 1.66 3.93
N ALA C 159 11.79 0.50 3.27
CA ALA C 159 11.28 0.52 1.91
C ALA C 159 9.83 1.06 1.82
N GLU C 160 8.99 0.82 2.83
CA GLU C 160 7.58 1.19 2.75
C GLU C 160 7.28 2.51 3.44
N ARG C 161 8.05 2.85 4.47
CA ARG C 161 7.96 4.11 5.19
C ARG C 161 9.38 4.50 5.58
N ALA C 162 9.87 5.65 5.08
CA ALA C 162 11.18 6.18 5.49
C ALA C 162 11.19 6.61 6.96
N GLY C 163 10.14 7.29 7.39
CA GLY C 163 10.03 7.63 8.80
C GLY C 163 10.89 8.78 9.29
N ARG C 164 12.07 8.96 8.71
CA ARG C 164 13.05 9.92 9.21
C ARG C 164 13.86 10.47 8.05
N ALA C 165 14.61 11.54 8.31
CA ALA C 165 15.58 12.05 7.36
C ALA C 165 16.82 11.15 7.35
N GLY C 166 17.54 11.16 6.20
CA GLY C 166 18.82 10.50 6.07
C GLY C 166 18.83 9.09 5.47
N VAL C 167 17.70 8.54 5.01
CA VAL C 167 17.70 7.18 4.49
C VAL C 167 17.20 7.09 3.05
N THR C 168 17.24 8.20 2.29
CA THR C 168 16.64 8.22 0.95
C THR C 168 17.27 7.18 0.03
N LEU C 169 18.60 7.18 -0.06
CA LEU C 169 19.26 6.23 -0.95
C LEU C 169 18.95 4.79 -0.54
N TYR C 170 19.05 4.50 0.74
CA TYR C 170 18.77 3.15 1.18
C TYR C 170 17.31 2.74 0.89
N ALA C 171 16.34 3.64 1.15
CA ALA C 171 14.94 3.33 0.92
C ALA C 171 14.65 3.12 -0.55
N ALA C 172 15.32 3.88 -1.43
CA ALA C 172 15.12 3.65 -2.86
C ALA C 172 15.58 2.25 -3.24
N SER C 173 16.75 1.84 -2.75
CA SER C 173 17.27 0.51 -3.07
C SER C 173 16.38 -0.59 -2.51
N LYS C 174 15.76 -0.38 -1.35
CA LYS C 174 14.89 -1.46 -0.90
C LYS C 174 13.53 -1.44 -1.60
N SER C 175 12.93 -0.27 -1.86
CA SER C 175 11.64 -0.31 -2.55
C SER C 175 11.78 -0.84 -3.97
N ALA C 176 12.99 -0.80 -4.51
CA ALA C 176 13.29 -1.45 -5.79
C ALA C 176 12.99 -2.95 -5.78
N LEU C 177 13.10 -3.62 -4.62
CA LEU C 177 12.77 -5.03 -4.52
C LEU C 177 11.27 -5.28 -4.59
N LEU C 178 10.45 -4.25 -4.32
CA LEU C 178 8.99 -4.43 -4.38
C LEU C 178 8.54 -4.76 -5.79
N GLY C 179 8.83 -3.89 -6.75
CA GLY C 179 8.45 -4.19 -8.11
C GLY C 179 9.18 -5.41 -8.64
N MET C 180 10.45 -5.58 -8.26
CA MET C 180 11.15 -6.76 -8.73
C MET C 180 10.46 -8.02 -8.25
N THR C 181 10.03 -8.06 -6.98
CA THR C 181 9.42 -9.28 -6.47
C THR C 181 8.08 -9.57 -7.13
N ARG C 182 7.25 -8.54 -7.31
CA ARG C 182 5.94 -8.73 -7.91
C ARG C 182 6.07 -9.17 -9.34
N GLY C 183 7.04 -8.61 -10.07
CA GLY C 183 7.22 -9.01 -11.45
C GLY C 183 7.75 -10.43 -11.56
N LEU C 184 8.64 -10.84 -10.64
CA LEU C 184 9.11 -12.21 -10.57
C LEU C 184 8.00 -13.19 -10.29
N ALA C 185 7.04 -12.81 -9.45
CA ALA C 185 5.91 -13.68 -9.14
C ALA C 185 5.12 -13.99 -10.38
N ARG C 186 4.99 -13.01 -11.29
CA ARG C 186 4.31 -13.18 -12.57
C ARG C 186 5.15 -13.95 -13.55
N ASP C 187 6.43 -13.66 -13.57
CA ASP C 187 7.31 -14.35 -14.49
C ASP C 187 7.37 -15.84 -14.19
N LEU C 188 7.37 -16.21 -12.91
CA LEU C 188 7.70 -17.57 -12.55
C LEU C 188 6.49 -18.37 -12.09
N GLY C 189 5.32 -17.73 -11.99
CA GLY C 189 4.18 -18.37 -11.36
C GLY C 189 3.65 -19.59 -12.08
N ALA C 190 3.77 -19.64 -13.41
CA ALA C 190 3.40 -20.83 -14.16
C ALA C 190 4.26 -22.04 -13.81
N ARG C 191 5.46 -21.84 -13.26
CA ARG C 191 6.30 -22.94 -12.79
C ARG C 191 6.08 -23.28 -11.31
N GLY C 192 5.14 -22.62 -10.62
CA GLY C 192 4.85 -22.91 -9.23
C GLY C 192 5.78 -22.22 -8.29
N ILE C 193 6.74 -21.47 -8.84
CA ILE C 193 7.74 -20.72 -8.07
C ILE C 193 7.13 -19.45 -7.48
N THR C 194 7.44 -19.19 -6.22
CA THR C 194 6.94 -18.02 -5.52
C THR C 194 8.06 -17.02 -5.36
N ALA C 195 7.70 -15.74 -5.25
CA ALA C 195 8.67 -14.67 -5.01
C ALA C 195 8.09 -13.68 -4.01
N ASN C 196 8.74 -13.53 -2.86
CA ASN C 196 8.23 -12.67 -1.82
C ASN C 196 9.35 -11.81 -1.27
N VAL C 197 9.01 -10.68 -0.67
CA VAL C 197 9.97 -9.87 0.05
C VAL C 197 9.53 -9.79 1.51
N VAL C 198 10.46 -10.05 2.41
CA VAL C 198 10.23 -9.92 3.84
C VAL C 198 10.84 -8.60 4.29
N HIS C 199 10.11 -7.84 5.12
CA HIS C 199 10.63 -6.53 5.56
C HIS C 199 10.97 -6.60 7.02
N PRO C 200 12.23 -6.69 7.39
CA PRO C 200 12.57 -6.56 8.83
C PRO C 200 12.27 -5.18 9.35
N GLY C 201 11.83 -5.14 10.62
CA GLY C 201 11.89 -3.97 11.45
C GLY C 201 13.26 -3.99 12.10
N PRO C 202 13.45 -3.24 13.18
CA PRO C 202 14.76 -3.25 13.84
C PRO C 202 15.09 -4.62 14.40
N ILE C 203 16.26 -5.15 14.05
CA ILE C 203 16.67 -6.49 14.44
C ILE C 203 18.04 -6.39 15.09
N ASP C 204 18.18 -6.98 16.27
CA ASP C 204 19.42 -6.83 17.03
C ASP C 204 20.54 -7.58 16.27
N THR C 205 21.40 -6.84 15.55
CA THR C 205 22.51 -7.43 14.82
C THR C 205 23.72 -6.51 14.91
N ASP C 206 24.82 -6.89 14.24
CA ASP C 206 26.03 -6.05 14.20
C ASP C 206 25.76 -4.77 13.45
N MET C 207 25.04 -4.86 12.34
CA MET C 207 24.67 -3.69 11.58
C MET C 207 23.71 -2.76 12.34
N ASN C 208 22.81 -3.32 13.19
CA ASN C 208 21.82 -2.56 13.99
C ASN C 208 21.78 -3.05 15.43
N PRO C 209 22.77 -2.69 16.26
CA PRO C 209 22.75 -3.19 17.65
C PRO C 209 21.55 -2.68 18.45
N ALA C 210 21.01 -3.56 19.29
CA ALA C 210 19.85 -3.17 20.10
C ALA C 210 20.20 -2.10 21.10
N ASP C 211 21.49 -1.93 21.41
CA ASP C 211 21.92 -0.97 22.42
C ASP C 211 22.61 0.24 21.80
N GLY C 212 22.42 0.52 20.52
CA GLY C 212 23.00 1.71 19.92
C GLY C 212 22.34 2.97 20.45
N GLU C 213 23.07 4.09 20.36
CA GLU C 213 22.57 5.30 21.03
C GLU C 213 21.23 5.75 20.46
N ARG C 214 20.98 5.51 19.19
CA ARG C 214 19.71 5.87 18.61
C ARG C 214 18.63 4.83 18.83
N SER C 215 18.96 3.69 19.46
CA SER C 215 17.98 2.59 19.54
C SER C 215 16.71 2.98 20.28
N GLY C 216 16.81 3.84 21.29
CA GLY C 216 15.65 4.11 22.08
C GLY C 216 14.60 4.87 21.31
N GLU C 217 15.03 5.81 20.45
CA GLU C 217 14.06 6.57 19.67
C GLU C 217 13.42 5.72 18.58
N LEU C 218 14.08 4.64 18.17
CA LEU C 218 13.45 3.70 17.26
C LEU C 218 12.41 2.83 17.98
N VAL C 219 12.76 2.31 19.18
CA VAL C 219 11.80 1.53 19.96
C VAL C 219 10.57 2.35 20.26
N ALA C 220 10.75 3.66 20.39
CA ALA C 220 9.63 4.52 20.75
C ALA C 220 8.56 4.56 19.66
N VAL C 221 8.90 4.31 18.39
CA VAL C 221 7.91 4.41 17.34
C VAL C 221 7.33 3.06 16.96
N LEU C 222 7.65 2.00 17.71
CA LEU C 222 7.19 0.63 17.47
C LEU C 222 5.88 0.33 18.15
N SER C 223 5.17 -0.68 17.63
CA SER C 223 4.04 -1.20 18.39
C SER C 223 4.48 -2.16 19.51
N LEU C 224 5.35 -3.05 19.25
CA LEU C 224 5.97 -3.84 20.32
C LEU C 224 7.26 -3.14 20.78
N PRO C 225 7.42 -2.83 22.08
CA PRO C 225 8.49 -1.90 22.52
C PRO C 225 9.87 -2.55 22.75
N HIS C 226 10.42 -3.14 21.68
CA HIS C 226 11.75 -3.75 21.72
C HIS C 226 12.14 -4.10 20.30
N TYR C 227 13.46 -4.24 20.07
CA TYR C 227 13.98 -4.79 18.83
C TYR C 227 13.53 -6.24 18.67
N GLY C 228 13.41 -6.69 17.43
CA GLY C 228 13.25 -8.11 17.16
C GLY C 228 14.61 -8.83 17.24
N GLU C 229 14.60 -10.13 16.88
CA GLU C 229 15.83 -10.92 16.89
C GLU C 229 15.92 -11.68 15.57
N VAL C 230 17.15 -12.17 15.25
CA VAL C 230 17.40 -12.76 13.93
C VAL C 230 16.52 -13.98 13.69
N ARG C 231 16.20 -14.76 14.74
CA ARG C 231 15.24 -15.86 14.57
C ARG C 231 13.87 -15.38 14.09
N ASP C 232 13.46 -14.15 14.41
CA ASP C 232 12.18 -13.68 13.91
C ASP C 232 12.19 -13.55 12.39
N ILE C 233 13.30 -13.11 11.80
CA ILE C 233 13.27 -13.06 10.36
C ILE C 233 13.43 -14.47 9.83
N ALA C 234 14.28 -15.28 10.48
CA ALA C 234 14.49 -16.63 9.97
C ALA C 234 13.20 -17.43 9.97
N GLY C 235 12.36 -17.24 10.99
CA GLY C 235 11.12 -18.01 11.03
C GLY C 235 10.20 -17.67 9.86
N MET C 236 10.14 -16.39 9.49
CA MET C 236 9.33 -16.00 8.34
C MET C 236 9.90 -16.61 7.08
N VAL C 237 11.22 -16.56 6.95
CA VAL C 237 11.82 -17.13 5.77
C VAL C 237 11.55 -18.63 5.68
N ALA C 238 11.66 -19.35 6.82
CA ALA C 238 11.43 -20.79 6.80
C ALA C 238 10.00 -21.12 6.40
N PHE C 239 9.03 -20.34 6.87
CA PHE C 239 7.63 -20.51 6.49
C PHE C 239 7.41 -20.31 4.98
N LEU C 240 8.00 -19.28 4.40
CA LEU C 240 7.82 -19.08 2.96
C LEU C 240 8.57 -20.11 2.16
N ALA C 241 9.68 -20.65 2.71
CA ALA C 241 10.46 -21.68 2.04
C ALA C 241 9.73 -23.01 1.99
N GLY C 242 8.86 -23.28 2.95
CA GLY C 242 8.26 -24.59 3.12
C GLY C 242 6.88 -24.79 2.52
N PRO C 243 6.27 -25.93 2.87
CA PRO C 243 4.97 -26.31 2.31
C PRO C 243 3.87 -25.31 2.56
N ASP C 244 3.87 -24.61 3.69
CA ASP C 244 2.84 -23.62 4.01
C ASP C 244 3.02 -22.33 3.21
N GLY C 245 4.17 -22.14 2.56
CA GLY C 245 4.29 -20.98 1.72
C GLY C 245 3.80 -21.17 0.31
N ARG C 246 3.28 -22.35 -0.05
CA ARG C 246 3.13 -22.69 -1.47
C ARG C 246 2.22 -21.73 -2.23
N TYR C 247 1.26 -21.09 -1.57
CA TYR C 247 0.32 -20.19 -2.22
C TYR C 247 0.56 -18.72 -1.88
N VAL C 248 1.63 -18.42 -1.15
CA VAL C 248 2.05 -17.05 -0.91
C VAL C 248 3.04 -16.68 -2.04
N THR C 249 2.71 -15.64 -2.82
CA THR C 249 3.67 -15.18 -3.82
C THR C 249 3.37 -13.73 -4.18
N GLY C 250 4.41 -12.98 -4.47
CA GLY C 250 4.27 -11.57 -4.78
C GLY C 250 3.96 -10.73 -3.58
N ALA C 251 4.08 -11.27 -2.37
CA ALA C 251 3.64 -10.54 -1.18
C ALA C 251 4.79 -9.78 -0.53
N SER C 252 4.45 -8.75 0.25
CA SER C 252 5.39 -8.07 1.14
C SER C 252 5.06 -8.43 2.56
N LEU C 253 5.97 -9.07 3.26
CA LEU C 253 5.67 -9.58 4.60
C LEU C 253 6.52 -8.85 5.63
N ALA C 254 5.85 -8.07 6.47
CA ALA C 254 6.51 -7.27 7.48
C ALA C 254 6.75 -8.06 8.75
N VAL C 255 7.99 -8.05 9.20
CA VAL C 255 8.31 -8.63 10.48
C VAL C 255 8.93 -7.50 11.28
N ASP C 256 8.13 -6.48 11.58
CA ASP C 256 8.69 -5.19 12.00
C ASP C 256 8.22 -4.69 13.37
N GLY C 257 7.63 -5.54 14.20
CA GLY C 257 7.17 -5.10 15.50
C GLY C 257 6.10 -4.03 15.42
N GLY C 258 5.39 -3.92 14.29
CA GLY C 258 4.43 -2.85 14.15
C GLY C 258 4.98 -1.47 13.84
N PHE C 259 6.22 -1.39 13.32
CA PHE C 259 6.77 -0.11 12.92
C PHE C 259 5.82 0.58 11.93
N ALA C 260 5.20 -0.20 11.07
CA ALA C 260 4.35 0.36 10.05
C ALA C 260 2.88 0.55 10.46
N ALA C 261 2.43 0.06 11.63
CA ALA C 261 0.97 -0.06 11.93
C ALA C 261 0.17 1.25 11.91
N GLN D 15 -13.96 28.89 -15.07
CA GLN D 15 -15.11 28.19 -14.50
C GLN D 15 -15.22 26.76 -15.02
N ASN D 16 -14.37 25.86 -14.55
CA ASN D 16 -14.44 24.50 -15.08
C ASN D 16 -15.60 23.68 -14.52
N LEU D 17 -16.25 24.12 -13.46
CA LEU D 17 -17.42 23.47 -12.91
C LEU D 17 -18.71 24.16 -13.31
N ASN D 18 -18.66 25.05 -14.28
CA ASN D 18 -19.85 25.78 -14.74
C ASN D 18 -20.93 24.82 -15.25
N GLY D 19 -22.17 25.07 -14.81
CA GLY D 19 -23.27 24.26 -15.24
C GLY D 19 -23.40 22.93 -14.53
N LYS D 20 -22.54 22.66 -13.56
CA LYS D 20 -22.55 21.42 -12.80
C LYS D 20 -23.12 21.63 -11.39
N VAL D 21 -23.58 20.54 -10.80
CA VAL D 21 -24.11 20.53 -9.44
C VAL D 21 -23.19 19.72 -8.53
N ALA D 22 -22.87 20.25 -7.34
CA ALA D 22 -22.06 19.54 -6.33
C ALA D 22 -22.81 19.34 -5.03
N PHE D 23 -22.65 18.15 -4.42
CA PHE D 23 -23.27 17.78 -3.14
C PHE D 23 -22.17 17.50 -2.13
N VAL D 24 -22.23 18.12 -0.95
CA VAL D 24 -21.16 18.01 0.07
C VAL D 24 -21.79 17.82 1.43
N THR D 25 -21.61 16.65 2.04
CA THR D 25 -22.06 16.51 3.43
C THR D 25 -21.11 17.25 4.34
N GLY D 26 -21.65 17.83 5.40
CA GLY D 26 -20.86 18.52 6.41
C GLY D 26 -20.25 19.80 5.89
N GLY D 27 -21.00 20.56 5.10
CA GLY D 27 -20.51 21.72 4.41
C GLY D 27 -20.51 23.01 5.17
N SER D 28 -20.95 23.04 6.42
CA SER D 28 -21.09 24.31 7.14
C SER D 28 -19.81 24.81 7.76
N ARG D 29 -18.83 23.97 8.04
CA ARG D 29 -17.63 24.52 8.67
C ARG D 29 -16.46 23.60 8.38
N GLY D 30 -15.25 24.05 8.76
CA GLY D 30 -14.05 23.28 8.63
C GLY D 30 -13.75 22.94 7.19
N ILE D 31 -13.30 21.71 6.96
CA ILE D 31 -12.95 21.31 5.61
C ILE D 31 -14.15 21.42 4.67
N GLY D 32 -15.34 21.08 5.16
CA GLY D 32 -16.48 21.03 4.25
C GLY D 32 -16.90 22.40 3.76
N ALA D 33 -16.84 23.41 4.63
CA ALA D 33 -17.14 24.76 4.16
C ALA D 33 -16.12 25.22 3.14
N ALA D 34 -14.83 24.90 3.36
CA ALA D 34 -13.84 25.33 2.37
C ALA D 34 -14.06 24.62 1.04
N ILE D 35 -14.54 23.38 1.07
CA ILE D 35 -14.88 22.69 -0.17
C ILE D 35 -16.05 23.38 -0.83
N VAL D 36 -17.11 23.71 -0.06
CA VAL D 36 -18.25 24.34 -0.74
C VAL D 36 -17.84 25.69 -1.33
N ARG D 37 -17.04 26.47 -0.58
CA ARG D 37 -16.59 27.74 -1.16
C ARG D 37 -15.72 27.51 -2.40
N ARG D 38 -14.83 26.50 -2.37
CA ARG D 38 -13.94 26.32 -3.52
C ARG D 38 -14.71 25.80 -4.74
N LEU D 39 -15.61 24.82 -4.54
CA LEU D 39 -16.37 24.30 -5.68
C LEU D 39 -17.33 25.34 -6.25
N ALA D 40 -17.91 26.20 -5.39
CA ALA D 40 -18.75 27.27 -5.89
C ALA D 40 -17.93 28.31 -6.65
N ALA D 41 -16.75 28.66 -6.12
CA ALA D 41 -15.92 29.63 -6.80
C ALA D 41 -15.47 29.11 -8.15
N ASP D 42 -15.34 27.79 -8.30
CA ASP D 42 -15.09 27.18 -9.60
C ASP D 42 -16.36 27.12 -10.45
N GLY D 43 -17.51 27.56 -9.93
CA GLY D 43 -18.72 27.71 -10.71
C GLY D 43 -19.82 26.68 -10.52
N ALA D 44 -19.69 25.74 -9.58
CA ALA D 44 -20.74 24.77 -9.33
C ALA D 44 -21.89 25.38 -8.55
N ASP D 45 -23.11 24.96 -8.84
CA ASP D 45 -24.22 25.08 -7.88
C ASP D 45 -24.05 24.05 -6.76
N ILE D 46 -24.33 24.42 -5.53
CA ILE D 46 -23.93 23.61 -4.38
C ILE D 46 -25.08 23.35 -3.47
N ALA D 47 -25.22 22.10 -3.04
CA ALA D 47 -26.06 21.73 -1.91
C ALA D 47 -25.19 21.05 -0.86
N PHE D 48 -25.43 21.34 0.41
CA PHE D 48 -24.58 20.78 1.45
C PHE D 48 -25.41 20.53 2.71
N THR D 49 -24.93 19.64 3.58
CA THR D 49 -25.67 19.30 4.78
C THR D 49 -24.94 19.78 6.03
N TYR D 50 -25.70 19.79 7.10
CA TYR D 50 -25.33 20.12 8.45
C TYR D 50 -26.23 19.33 9.40
N VAL D 51 -25.80 19.17 10.63
CA VAL D 51 -26.59 18.47 11.59
C VAL D 51 -27.05 19.27 12.78
N SER D 52 -26.23 20.04 13.39
CA SER D 52 -26.62 20.78 14.57
C SER D 52 -27.58 21.93 14.34
N ALA D 53 -28.58 22.04 15.21
CA ALA D 53 -29.46 23.19 15.11
C ALA D 53 -28.65 24.46 15.24
N SER D 54 -27.54 24.39 16.00
CA SER D 54 -26.66 25.53 16.18
C SER D 54 -25.95 25.97 14.89
N SER D 55 -25.82 25.10 13.90
CA SER D 55 -25.18 25.45 12.63
C SER D 55 -26.15 26.05 11.63
N LYS D 56 -27.44 26.15 11.96
CA LYS D 56 -28.42 26.62 11.00
C LYS D 56 -28.14 28.05 10.57
N ASN D 57 -27.64 28.90 11.48
CA ASN D 57 -27.29 30.28 11.09
C ASN D 57 -26.07 30.29 10.18
N VAL D 58 -25.04 29.58 10.59
CA VAL D 58 -23.82 29.48 9.79
C VAL D 58 -24.12 28.90 8.42
N ALA D 59 -24.99 27.89 8.35
CA ALA D 59 -25.31 27.26 7.07
C ALA D 59 -26.03 28.23 6.15
N THR D 60 -27.05 28.96 6.67
CA THR D 60 -27.76 29.88 5.77
C THR D 60 -26.94 31.12 5.44
N ALA D 61 -26.05 31.55 6.33
CA ALA D 61 -25.14 32.63 5.95
C ALA D 61 -24.20 32.17 4.84
N LEU D 62 -23.74 30.92 4.89
CA LEU D 62 -22.86 30.45 3.83
C LEU D 62 -23.62 30.45 2.51
N VAL D 63 -24.89 30.04 2.56
CA VAL D 63 -25.71 30.01 1.35
C VAL D 63 -25.86 31.41 0.77
N GLN D 64 -26.05 32.41 1.62
CA GLN D 64 -26.17 33.77 1.11
C GLN D 64 -24.86 34.27 0.53
N GLU D 65 -23.74 33.87 1.12
CA GLU D 65 -22.48 34.27 0.54
C GLU D 65 -22.33 33.72 -0.88
N LEU D 66 -22.79 32.50 -1.12
CA LEU D 66 -22.68 31.95 -2.46
C LEU D 66 -23.69 32.59 -3.41
N GLU D 67 -24.91 32.84 -2.94
CA GLU D 67 -25.86 33.50 -3.84
C GLU D 67 -25.38 34.88 -4.19
N ALA D 68 -24.74 35.57 -3.25
CA ALA D 68 -24.20 36.89 -3.54
C ALA D 68 -23.08 36.82 -4.56
N LYS D 69 -22.47 35.68 -4.76
CA LYS D 69 -21.54 35.57 -5.87
C LYS D 69 -22.20 35.04 -7.15
N GLY D 70 -23.53 34.87 -7.14
CA GLY D 70 -24.23 34.39 -8.31
C GLY D 70 -24.39 32.89 -8.46
N ARG D 71 -24.09 32.11 -7.45
CA ARG D 71 -24.27 30.66 -7.54
C ARG D 71 -25.60 30.27 -6.92
N ARG D 72 -26.20 29.20 -7.41
CA ARG D 72 -27.31 28.60 -6.69
C ARG D 72 -26.79 27.75 -5.54
N ALA D 73 -27.44 27.84 -4.36
CA ALA D 73 -26.99 27.05 -3.22
C ALA D 73 -28.14 26.76 -2.26
N ARG D 74 -28.11 25.58 -1.65
CA ARG D 74 -29.10 25.11 -0.67
C ARG D 74 -28.38 24.42 0.48
N ALA D 75 -28.81 24.70 1.71
CA ALA D 75 -28.30 24.04 2.91
C ALA D 75 -29.40 23.18 3.50
N ILE D 76 -29.07 21.91 3.78
CA ILE D 76 -30.09 20.95 4.19
C ILE D 76 -29.65 20.32 5.51
N GLN D 77 -30.50 20.37 6.52
CA GLN D 77 -30.17 19.71 7.77
C GLN D 77 -30.42 18.22 7.60
N ALA D 78 -29.40 17.42 7.79
CA ALA D 78 -29.56 15.98 7.59
C ALA D 78 -28.50 15.30 8.44
N ASP D 79 -28.95 14.60 9.47
CA ASP D 79 -28.02 13.86 10.31
C ASP D 79 -27.50 12.62 9.54
N SER D 80 -26.19 12.56 9.31
CA SER D 80 -25.57 11.46 8.59
C SER D 80 -25.76 10.13 9.29
N ALA D 81 -25.97 10.17 10.60
CA ALA D 81 -26.30 8.95 11.34
C ALA D 81 -27.59 8.32 10.81
N ASP D 82 -28.48 9.10 10.18
CA ASP D 82 -29.77 8.56 9.78
C ASP D 82 -29.80 8.35 8.27
N PRO D 83 -29.85 7.11 7.81
CA PRO D 83 -29.80 6.87 6.36
C PRO D 83 -30.92 7.54 5.60
N ALA D 84 -32.12 7.64 6.18
CA ALA D 84 -33.22 8.27 5.44
C ALA D 84 -32.97 9.77 5.28
N GLN D 85 -32.36 10.40 6.29
CA GLN D 85 -32.09 11.82 6.16
C GLN D 85 -31.05 12.08 5.10
N VAL D 86 -30.05 11.19 5.00
CA VAL D 86 -29.02 11.34 3.98
C VAL D 86 -29.60 11.15 2.59
N ARG D 87 -30.36 10.07 2.41
CA ARG D 87 -31.00 9.87 1.12
C ARG D 87 -31.93 11.03 0.80
N GLN D 88 -32.71 11.47 1.80
CA GLN D 88 -33.66 12.54 1.53
C GLN D 88 -32.97 13.81 1.10
N ALA D 89 -31.81 14.13 1.72
CA ALA D 89 -31.11 15.36 1.34
C ALA D 89 -30.64 15.28 -0.09
N VAL D 90 -30.11 14.13 -0.50
CA VAL D 90 -29.65 13.98 -1.89
C VAL D 90 -30.82 14.08 -2.88
N GLU D 91 -31.94 13.44 -2.55
CA GLU D 91 -33.12 13.54 -3.42
C GLU D 91 -33.62 14.97 -3.51
N GLN D 92 -33.58 15.69 -2.38
CA GLN D 92 -34.06 17.06 -2.38
C GLN D 92 -33.18 17.95 -3.25
N ALA D 93 -31.86 17.77 -3.17
CA ALA D 93 -30.92 18.51 -3.98
C ALA D 93 -31.03 18.15 -5.46
N ILE D 94 -31.32 16.92 -5.80
CA ILE D 94 -31.47 16.57 -7.18
C ILE D 94 -32.65 17.31 -7.77
N VAL D 95 -33.76 17.41 -7.05
CA VAL D 95 -34.92 18.17 -7.50
C VAL D 95 -34.68 19.66 -7.57
N GLN D 96 -34.06 20.20 -6.54
CA GLN D 96 -33.78 21.62 -6.53
C GLN D 96 -32.69 22.16 -7.43
N LEU D 97 -31.59 21.45 -7.51
CA LEU D 97 -30.46 21.92 -8.31
C LEU D 97 -30.19 21.05 -9.53
N GLY D 98 -30.78 19.87 -9.62
CA GLY D 98 -30.54 18.94 -10.71
C GLY D 98 -29.61 17.81 -10.32
N PRO D 99 -29.43 16.85 -11.20
CA PRO D 99 -28.59 15.70 -10.86
C PRO D 99 -27.20 16.11 -10.47
N VAL D 100 -26.67 15.46 -9.46
CA VAL D 100 -25.37 15.75 -8.96
C VAL D 100 -24.22 15.29 -9.85
N ASP D 101 -23.34 16.20 -10.19
CA ASP D 101 -22.11 15.86 -10.93
C ASP D 101 -20.96 15.55 -9.99
N VAL D 102 -20.87 16.23 -8.85
CA VAL D 102 -19.76 16.08 -7.94
C VAL D 102 -20.33 15.81 -6.55
N LEU D 103 -20.08 14.62 -6.02
CA LEU D 103 -20.54 14.21 -4.71
C LEU D 103 -19.33 14.11 -3.79
N VAL D 104 -19.38 14.85 -2.67
CA VAL D 104 -18.29 14.92 -1.72
C VAL D 104 -18.80 14.48 -0.38
N ASN D 105 -18.42 13.27 0.05
CA ASN D 105 -18.75 12.77 1.40
C ASN D 105 -17.67 13.27 2.36
N ASN D 106 -17.99 14.31 3.14
CA ASN D 106 -17.03 14.96 4.03
C ASN D 106 -17.39 14.87 5.50
N ALA D 107 -18.67 14.91 5.86
CA ALA D 107 -18.99 14.96 7.27
C ALA D 107 -18.43 13.73 7.95
N GLY D 108 -17.84 13.91 9.13
CA GLY D 108 -17.22 12.78 9.82
C GLY D 108 -17.20 13.00 11.31
N ILE D 109 -16.95 11.91 12.03
CA ILE D 109 -16.87 11.96 13.47
C ILE D 109 -15.63 11.20 13.89
N PHE D 110 -14.91 11.75 14.86
CA PHE D 110 -13.72 11.19 15.44
C PHE D 110 -13.89 10.90 16.92
N LEU D 111 -13.96 9.67 17.27
CA LEU D 111 -14.09 9.29 18.63
C LEU D 111 -12.87 8.48 18.96
N ALA D 112 -12.07 8.97 19.88
CA ALA D 112 -10.84 8.30 20.23
C ALA D 112 -10.82 7.91 21.70
N GLY D 113 -9.98 6.91 22.04
CA GLY D 113 -9.81 6.50 23.40
C GLY D 113 -9.41 5.05 23.54
N PRO D 114 -9.26 4.63 24.79
CA PRO D 114 -8.84 3.26 25.05
C PRO D 114 -9.82 2.28 24.44
N LEU D 115 -9.27 1.16 23.96
CA LEU D 115 -10.04 0.16 23.25
C LEU D 115 -11.12 -0.46 24.12
N GLY D 116 -10.82 -0.63 25.42
CA GLY D 116 -11.76 -1.28 26.29
C GLY D 116 -12.90 -0.41 26.71
N GLU D 117 -12.78 0.90 26.53
CA GLU D 117 -13.85 1.82 26.87
C GLU D 117 -14.77 2.14 25.70
N VAL D 118 -14.51 1.60 24.51
CA VAL D 118 -15.36 1.88 23.34
C VAL D 118 -16.73 1.26 23.55
N THR D 119 -17.78 2.06 23.36
CA THR D 119 -19.16 1.68 23.62
C THR D 119 -19.92 1.32 22.34
N LEU D 120 -21.10 0.76 22.56
CA LEU D 120 -21.97 0.41 21.44
C LEU D 120 -22.35 1.65 20.67
N ASP D 121 -22.56 2.77 21.37
CA ASP D 121 -22.92 4.01 20.69
C ASP D 121 -21.75 4.57 19.91
N ASP D 122 -20.53 4.46 20.49
CA ASP D 122 -19.34 4.89 19.78
C ASP D 122 -19.20 4.11 18.50
N TYR D 123 -19.41 2.81 18.56
CA TYR D 123 -19.32 2.00 17.36
C TYR D 123 -20.41 2.38 16.37
N GLU D 124 -21.66 2.37 16.80
CA GLU D 124 -22.77 2.62 15.88
C GLU D 124 -22.68 4.00 15.26
N ARG D 125 -22.38 5.02 16.06
CA ARG D 125 -22.32 6.36 15.50
C ARG D 125 -21.15 6.52 14.54
N THR D 126 -19.97 6.00 14.91
CA THR D 126 -18.81 6.14 14.01
C THR D 126 -19.07 5.47 12.67
N MET D 127 -19.56 4.21 12.68
CA MET D 127 -19.78 3.46 11.44
C MET D 127 -20.96 4.01 10.63
N ASN D 128 -22.04 4.46 11.31
CA ASN D 128 -23.16 5.04 10.57
C ASN D 128 -22.72 6.33 9.89
N ILE D 129 -21.88 7.11 10.55
CA ILE D 129 -21.51 8.41 9.96
C ILE D 129 -20.36 8.25 8.96
N ASN D 130 -19.32 7.49 9.33
CA ASN D 130 -18.12 7.50 8.50
C ASN D 130 -18.21 6.56 7.33
N VAL D 131 -19.14 5.62 7.37
CA VAL D 131 -19.15 4.60 6.34
C VAL D 131 -20.53 4.56 5.71
N ARG D 132 -21.55 4.34 6.52
CA ARG D 132 -22.87 4.11 5.94
C ARG D 132 -23.40 5.34 5.21
N ALA D 133 -23.34 6.51 5.84
CA ALA D 133 -23.86 7.71 5.19
C ALA D 133 -23.21 7.95 3.84
N PRO D 134 -21.86 7.88 3.69
CA PRO D 134 -21.29 8.00 2.35
C PRO D 134 -21.84 6.99 1.38
N PHE D 135 -22.02 5.74 1.83
CA PHE D 135 -22.53 4.72 0.93
C PHE D 135 -23.95 5.07 0.51
N VAL D 136 -24.75 5.61 1.44
CA VAL D 136 -26.13 5.92 1.11
C VAL D 136 -26.20 7.10 0.17
N ALA D 137 -25.39 8.12 0.43
CA ALA D 137 -25.36 9.28 -0.46
C ALA D 137 -24.97 8.85 -1.86
N ILE D 138 -24.02 7.93 -1.96
CA ILE D 138 -23.57 7.46 -3.25
C ILE D 138 -24.69 6.69 -3.94
N GLN D 139 -25.39 5.86 -3.21
CA GLN D 139 -26.42 5.07 -3.85
C GLN D 139 -27.52 5.95 -4.39
N ALA D 140 -27.85 7.03 -3.67
CA ALA D 140 -28.88 7.98 -4.10
C ALA D 140 -28.40 8.81 -5.27
N ALA D 141 -27.16 9.30 -5.23
CA ALA D 141 -26.70 10.21 -6.27
C ALA D 141 -26.40 9.46 -7.57
N GLN D 142 -25.92 8.23 -7.47
CA GLN D 142 -25.41 7.54 -8.66
C GLN D 142 -26.53 7.20 -9.63
N ALA D 143 -27.75 7.07 -9.14
CA ALA D 143 -28.80 6.63 -10.04
C ALA D 143 -28.94 7.60 -11.21
N SER D 144 -28.81 8.90 -10.96
CA SER D 144 -28.97 9.92 -11.98
C SER D 144 -27.69 10.73 -12.21
N MET D 145 -26.55 10.30 -11.68
CA MET D 145 -25.32 11.06 -11.88
C MET D 145 -24.99 11.12 -13.37
N PRO D 146 -24.74 12.31 -13.93
CA PRO D 146 -24.42 12.40 -15.35
C PRO D 146 -23.13 11.68 -15.66
N ASP D 147 -23.02 11.20 -16.88
CA ASP D 147 -21.77 10.56 -17.26
C ASP D 147 -20.62 11.54 -17.04
N GLY D 148 -19.49 11.00 -16.62
CA GLY D 148 -18.33 11.78 -16.30
C GLY D 148 -18.32 12.42 -14.94
N GLY D 149 -19.20 12.00 -14.03
CA GLY D 149 -19.23 12.60 -12.71
C GLY D 149 -18.13 12.10 -11.78
N ARG D 150 -18.09 12.71 -10.57
CA ARG D 150 -17.01 12.52 -9.60
C ARG D 150 -17.57 12.20 -8.22
N ILE D 151 -16.99 11.19 -7.57
CA ILE D 151 -17.28 10.86 -6.17
C ILE D 151 -15.98 11.02 -5.41
N ILE D 152 -16.00 11.76 -4.31
CA ILE D 152 -14.81 12.08 -3.55
C ILE D 152 -15.12 11.87 -2.07
N ASN D 153 -14.53 10.82 -1.48
CA ASN D 153 -14.68 10.56 -0.05
C ASN D 153 -13.54 11.24 0.71
N ILE D 154 -13.85 11.82 1.88
CA ILE D 154 -12.80 12.35 2.74
C ILE D 154 -12.45 11.25 3.74
N GLY D 155 -11.25 10.68 3.62
CA GLY D 155 -10.82 9.63 4.51
C GLY D 155 -10.01 10.22 5.64
N SER D 156 -8.78 9.72 5.85
CA SER D 156 -7.88 10.19 6.90
C SER D 156 -6.50 9.51 6.75
N CYS D 157 -5.45 10.22 7.17
CA CYS D 157 -4.15 9.55 7.18
C CYS D 157 -4.16 8.36 8.13
N LEU D 158 -5.05 8.36 9.12
CA LEU D 158 -5.17 7.27 10.08
C LEU D 158 -5.77 6.01 9.47
N ALA D 159 -6.42 6.12 8.31
CA ALA D 159 -6.87 4.91 7.61
C ALA D 159 -5.70 4.04 7.16
N GLU D 160 -4.60 4.66 6.74
CA GLU D 160 -3.47 3.94 6.17
C GLU D 160 -2.38 3.63 7.19
N ARG D 161 -2.22 4.50 8.19
CA ARG D 161 -1.28 4.31 9.29
C ARG D 161 -1.93 4.90 10.55
N ALA D 162 -2.17 4.02 11.54
CA ALA D 162 -2.70 4.48 12.83
C ALA D 162 -1.67 5.29 13.62
N GLY D 163 -0.43 4.84 13.64
CA GLY D 163 0.64 5.60 14.27
C GLY D 163 0.66 5.57 15.78
N ARG D 164 -0.49 5.45 16.39
CA ARG D 164 -0.59 5.55 17.83
C ARG D 164 -1.73 4.68 18.30
N ALA D 165 -1.78 4.47 19.61
CA ALA D 165 -2.88 3.80 20.31
C ALA D 165 -4.07 4.75 20.45
N GLY D 166 -5.25 4.15 20.58
CA GLY D 166 -6.47 4.91 20.87
C GLY D 166 -7.32 5.34 19.67
N VAL D 167 -6.97 4.98 18.43
CA VAL D 167 -7.72 5.39 17.25
C VAL D 167 -8.23 4.19 16.44
N THR D 168 -8.41 3.03 17.08
CA THR D 168 -8.76 1.80 16.34
C THR D 168 -10.12 1.88 15.66
N LEU D 169 -11.13 2.32 16.38
CA LEU D 169 -12.43 2.38 15.78
C LEU D 169 -12.43 3.37 14.61
N TYR D 170 -11.85 4.53 14.82
CA TYR D 170 -11.84 5.53 13.79
C TYR D 170 -11.09 5.02 12.55
N ALA D 171 -9.91 4.38 12.77
CA ALA D 171 -9.08 3.90 11.65
C ALA D 171 -9.79 2.80 10.89
N ALA D 172 -10.55 1.94 11.59
CA ALA D 172 -11.36 0.96 10.89
C ALA D 172 -12.43 1.66 10.03
N SER D 173 -13.09 2.68 10.60
CA SER D 173 -14.14 3.33 9.81
C SER D 173 -13.58 4.02 8.58
N LYS D 174 -12.38 4.58 8.69
CA LYS D 174 -11.83 5.27 7.53
C LYS D 174 -11.24 4.28 6.54
N SER D 175 -10.56 3.24 6.99
CA SER D 175 -10.04 2.32 5.96
C SER D 175 -11.17 1.59 5.24
N ALA D 176 -12.35 1.55 5.81
CA ALA D 176 -13.48 1.05 5.05
C ALA D 176 -13.72 1.85 3.77
N LEU D 177 -13.36 3.13 3.72
CA LEU D 177 -13.61 3.88 2.49
C LEU D 177 -12.67 3.47 1.35
N LEU D 178 -11.54 2.85 1.68
CA LEU D 178 -10.60 2.40 0.69
C LEU D 178 -11.24 1.39 -0.25
N GLY D 179 -11.69 0.26 0.32
CA GLY D 179 -12.36 -0.72 -0.50
C GLY D 179 -13.66 -0.18 -1.07
N MET D 180 -14.36 0.63 -0.32
CA MET D 180 -15.57 1.17 -0.93
C MET D 180 -15.20 1.96 -2.18
N THR D 181 -14.14 2.76 -2.11
CA THR D 181 -13.84 3.63 -3.24
C THR D 181 -13.36 2.84 -4.45
N ARG D 182 -12.48 1.85 -4.23
CA ARG D 182 -11.99 1.05 -5.33
C ARG D 182 -13.10 0.27 -6.00
N GLY D 183 -14.04 -0.27 -5.23
CA GLY D 183 -15.14 -0.98 -5.85
C GLY D 183 -16.06 -0.03 -6.60
N LEU D 184 -16.28 1.16 -6.03
CA LEU D 184 -17.12 2.10 -6.75
C LEU D 184 -16.48 2.45 -8.08
N ALA D 185 -15.15 2.58 -8.10
CA ALA D 185 -14.47 2.95 -9.34
C ALA D 185 -14.69 1.91 -10.43
N ARG D 186 -14.76 0.63 -10.04
CA ARG D 186 -15.08 -0.42 -11.01
C ARG D 186 -16.56 -0.40 -11.38
N ASP D 187 -17.42 -0.17 -10.39
CA ASP D 187 -18.85 -0.23 -10.64
C ASP D 187 -19.25 0.83 -11.63
N LEU D 188 -18.63 2.00 -11.55
CA LEU D 188 -19.10 3.18 -12.26
C LEU D 188 -18.19 3.63 -13.41
N GLY D 189 -17.05 2.96 -13.62
CA GLY D 189 -16.07 3.45 -14.56
C GLY D 189 -16.55 3.46 -15.99
N ALA D 190 -17.45 2.54 -16.33
CA ALA D 190 -18.04 2.49 -17.66
C ALA D 190 -18.86 3.73 -17.99
N ARG D 191 -19.37 4.47 -16.99
CA ARG D 191 -20.08 5.72 -17.23
C ARG D 191 -19.15 6.92 -17.19
N GLY D 192 -17.84 6.69 -17.04
CA GLY D 192 -16.89 7.77 -16.97
C GLY D 192 -16.77 8.37 -15.60
N ILE D 193 -17.54 7.86 -14.65
CA ILE D 193 -17.50 8.34 -13.28
C ILE D 193 -16.24 7.86 -12.57
N THR D 194 -15.62 8.75 -11.84
CA THR D 194 -14.46 8.42 -11.05
C THR D 194 -14.85 8.40 -9.59
N ALA D 195 -14.12 7.63 -8.80
CA ALA D 195 -14.32 7.61 -7.35
C ALA D 195 -12.95 7.57 -6.70
N ASN D 196 -12.66 8.53 -5.80
CA ASN D 196 -11.38 8.64 -5.11
C ASN D 196 -11.59 8.99 -3.64
N VAL D 197 -10.58 8.71 -2.81
CA VAL D 197 -10.60 9.09 -1.40
C VAL D 197 -9.41 10.02 -1.15
N VAL D 198 -9.66 11.14 -0.49
CA VAL D 198 -8.61 12.06 -0.09
C VAL D 198 -8.33 11.86 1.39
N HIS D 199 -7.04 11.72 1.73
CA HIS D 199 -6.65 11.49 3.13
C HIS D 199 -5.99 12.74 3.68
N PRO D 200 -6.70 13.57 4.44
CA PRO D 200 -6.04 14.69 5.12
C PRO D 200 -5.07 14.22 6.18
N GLY D 201 -3.99 15.01 6.35
CA GLY D 201 -3.17 14.97 7.54
C GLY D 201 -3.80 15.92 8.53
N PRO D 202 -3.07 16.33 9.57
CA PRO D 202 -3.68 17.25 10.53
C PRO D 202 -3.99 18.57 9.82
N ILE D 203 -5.23 19.02 9.95
CA ILE D 203 -5.71 20.21 9.30
C ILE D 203 -6.34 21.08 10.35
N ASP D 204 -5.94 22.34 10.39
CA ASP D 204 -6.34 23.27 11.47
C ASP D 204 -7.84 23.56 11.38
N THR D 205 -8.64 22.88 12.22
CA THR D 205 -10.08 23.09 12.27
C THR D 205 -10.56 22.95 13.72
N ASP D 206 -11.88 23.03 13.90
CA ASP D 206 -12.50 22.87 15.22
C ASP D 206 -12.31 21.47 15.80
N MET D 207 -12.50 20.43 14.97
CA MET D 207 -12.28 19.05 15.39
C MET D 207 -10.81 18.75 15.70
N ASN D 208 -9.88 19.41 14.99
CA ASN D 208 -8.43 19.27 15.20
C ASN D 208 -7.79 20.65 15.21
N PRO D 209 -7.92 21.39 16.32
CA PRO D 209 -7.33 22.74 16.37
C PRO D 209 -5.81 22.68 16.25
N ALA D 210 -5.23 23.67 15.56
CA ALA D 210 -3.79 23.69 15.36
C ALA D 210 -3.00 23.95 16.64
N ASP D 211 -3.64 24.49 17.68
CA ASP D 211 -2.97 24.82 18.93
C ASP D 211 -3.35 23.89 20.09
N GLY D 212 -3.88 22.69 19.81
CA GLY D 212 -4.21 21.75 20.87
C GLY D 212 -2.99 21.17 21.55
N GLU D 213 -3.17 20.70 22.79
CA GLU D 213 -2.02 20.26 23.57
C GLU D 213 -1.30 19.11 22.89
N ARG D 214 -2.02 18.29 22.14
CA ARG D 214 -1.44 17.18 21.41
C ARG D 214 -0.84 17.60 20.07
N SER D 215 -1.03 18.85 19.65
CA SER D 215 -0.63 19.25 18.31
C SER D 215 0.88 19.17 18.09
N GLY D 216 1.67 19.48 19.11
CA GLY D 216 3.11 19.57 18.90
C GLY D 216 3.77 18.22 18.68
N GLU D 217 3.32 17.19 19.40
CA GLU D 217 3.90 15.87 19.18
C GLU D 217 3.47 15.31 17.84
N LEU D 218 2.34 15.77 17.33
CA LEU D 218 1.87 15.39 16.00
C LEU D 218 2.65 16.09 14.89
N VAL D 219 2.92 17.39 15.05
CA VAL D 219 3.74 18.07 14.06
C VAL D 219 5.12 17.43 14.01
N ALA D 220 5.57 16.88 15.15
CA ALA D 220 6.89 16.28 15.22
C ALA D 220 7.03 15.04 14.33
N VAL D 221 5.94 14.36 13.95
CA VAL D 221 6.07 13.18 13.10
C VAL D 221 5.80 13.48 11.63
N LEU D 222 5.62 14.75 11.26
CA LEU D 222 5.33 15.13 9.86
C LEU D 222 6.60 15.39 9.06
N SER D 223 6.45 15.33 7.72
CA SER D 223 7.56 15.78 6.89
C SER D 223 7.63 17.31 6.81
N LEU D 224 6.48 17.98 6.62
CA LEU D 224 6.37 19.42 6.74
C LEU D 224 6.05 19.76 8.19
N PRO D 225 6.82 20.58 8.88
CA PRO D 225 6.66 20.71 10.34
C PRO D 225 5.56 21.69 10.75
N HIS D 226 4.33 21.45 10.30
CA HIS D 226 3.18 22.28 10.66
C HIS D 226 1.90 21.60 10.19
N TYR D 227 0.79 21.94 10.85
CA TYR D 227 -0.52 21.55 10.37
C TYR D 227 -0.79 22.16 9.00
N GLY D 228 -1.60 21.49 8.21
CA GLY D 228 -2.14 22.03 6.98
C GLY D 228 -3.32 22.94 7.27
N GLU D 229 -3.98 23.39 6.20
CA GLU D 229 -5.13 24.27 6.32
C GLU D 229 -6.24 23.74 5.43
N VAL D 230 -7.47 24.22 5.69
CA VAL D 230 -8.65 23.72 5.01
C VAL D 230 -8.54 23.96 3.51
N ARG D 231 -7.88 25.05 3.06
CA ARG D 231 -7.67 25.22 1.61
C ARG D 231 -6.84 24.10 0.98
N ASP D 232 -5.93 23.48 1.74
CA ASP D 232 -5.16 22.40 1.12
C ASP D 232 -6.07 21.22 0.74
N ILE D 233 -7.09 20.95 1.56
CA ILE D 233 -8.02 19.88 1.20
C ILE D 233 -8.98 20.34 0.11
N ALA D 234 -9.47 21.56 0.19
CA ALA D 234 -10.40 22.03 -0.84
C ALA D 234 -9.71 22.01 -2.19
N GLY D 235 -8.42 22.36 -2.24
CA GLY D 235 -7.75 22.35 -3.52
C GLY D 235 -7.63 20.97 -4.14
N MET D 236 -7.31 19.94 -3.34
CA MET D 236 -7.26 18.60 -3.91
C MET D 236 -8.65 18.16 -4.39
N VAL D 237 -9.72 18.47 -3.63
CA VAL D 237 -11.05 18.08 -4.13
C VAL D 237 -11.36 18.84 -5.40
N ALA D 238 -11.08 20.13 -5.46
CA ALA D 238 -11.36 20.88 -6.67
C ALA D 238 -10.60 20.30 -7.86
N PHE D 239 -9.37 19.89 -7.66
CA PHE D 239 -8.62 19.24 -8.71
C PHE D 239 -9.31 17.95 -9.18
N LEU D 240 -9.79 17.14 -8.28
CA LEU D 240 -10.46 15.92 -8.62
C LEU D 240 -11.77 16.11 -9.33
N ALA D 241 -12.48 17.13 -8.94
CA ALA D 241 -13.72 17.51 -9.52
C ALA D 241 -13.63 18.05 -10.94
N GLY D 242 -12.49 18.62 -11.29
CA GLY D 242 -12.39 19.32 -12.55
C GLY D 242 -11.86 18.52 -13.73
N PRO D 243 -11.59 19.22 -14.83
CA PRO D 243 -11.17 18.54 -16.06
C PRO D 243 -9.90 17.74 -15.88
N ASP D 244 -9.02 18.18 -15.00
CA ASP D 244 -7.73 17.51 -14.77
C ASP D 244 -7.85 16.22 -13.97
N GLY D 245 -8.99 15.97 -13.36
CA GLY D 245 -9.16 14.73 -12.65
C GLY D 245 -9.75 13.62 -13.46
N ARG D 246 -10.01 13.85 -14.75
CA ARG D 246 -10.88 12.96 -15.52
C ARG D 246 -10.33 11.54 -15.58
N TYR D 247 -9.01 11.36 -15.48
CA TYR D 247 -8.42 10.03 -15.58
C TYR D 247 -7.93 9.48 -14.24
N VAL D 248 -8.21 10.18 -13.13
CA VAL D 248 -7.89 9.70 -11.78
C VAL D 248 -9.14 9.00 -11.24
N THR D 249 -9.02 7.70 -10.88
CA THR D 249 -10.14 7.00 -10.29
C THR D 249 -9.64 5.78 -9.52
N GLY D 250 -10.32 5.49 -8.41
CA GLY D 250 -9.90 4.39 -7.56
C GLY D 250 -8.68 4.66 -6.73
N ALA D 251 -8.24 5.90 -6.63
CA ALA D 251 -6.97 6.27 -6.03
C ALA D 251 -7.16 6.75 -4.59
N SER D 252 -6.10 6.62 -3.78
CA SER D 252 -5.98 7.26 -2.49
C SER D 252 -4.96 8.38 -2.59
N LEU D 253 -5.45 9.61 -2.40
CA LEU D 253 -4.61 10.80 -2.58
C LEU D 253 -4.39 11.42 -1.21
N ALA D 254 -3.16 11.34 -0.71
CA ALA D 254 -2.81 11.89 0.59
C ALA D 254 -2.43 13.36 0.51
N VAL D 255 -3.07 14.17 1.35
CA VAL D 255 -2.74 15.57 1.54
C VAL D 255 -2.35 15.70 3.00
N ASP D 256 -1.22 15.12 3.40
CA ASP D 256 -0.99 14.87 4.82
C ASP D 256 0.28 15.48 5.39
N GLY D 257 0.94 16.39 4.69
CA GLY D 257 2.20 16.92 5.15
C GLY D 257 3.28 15.87 5.24
N GLY D 258 3.14 14.74 4.54
CA GLY D 258 4.15 13.73 4.66
C GLY D 258 4.07 12.93 5.93
N PHE D 259 2.90 12.92 6.58
CA PHE D 259 2.72 12.10 7.79
C PHE D 259 3.12 10.65 7.52
N ALA D 260 2.80 10.17 6.31
CA ALA D 260 3.08 8.78 5.96
C ALA D 260 4.46 8.55 5.39
N ALA D 261 5.23 9.60 5.09
CA ALA D 261 6.48 9.43 4.34
C ALA D 261 7.42 8.60 5.19
PA NDP E . -17.67 -20.48 3.80
O1A NDP E . -18.93 -19.74 3.48
O2A NDP E . -17.17 -21.59 2.92
O5B NDP E . -17.69 -21.03 5.35
C5B NDP E . -18.39 -20.02 6.09
C4B NDP E . -18.17 -20.23 7.60
O4B NDP E . -18.44 -19.02 8.28
C3B NDP E . -19.14 -21.38 8.10
O3B NDP E . -18.57 -22.15 9.15
C2B NDP E . -20.28 -20.56 8.67
O2B NDP E . -20.89 -21.14 9.72
C1B NDP E . -19.51 -19.24 9.15
N9A NDP E . -20.48 -18.08 9.15
C8A NDP E . -21.08 -17.37 8.06
N7A NDP E . -21.95 -16.43 8.46
C5A NDP E . -21.94 -16.54 9.85
C6A NDP E . -22.62 -15.85 10.84
N6A NDP E . -23.50 -14.86 10.48
N1A NDP E . -22.45 -16.13 12.18
C2A NDP E . -21.54 -17.15 12.47
N3A NDP E . -20.80 -17.91 11.63
C4A NDP E . -21.03 -17.57 10.29
O3 NDP E . -16.61 -19.14 3.83
PN NDP E . -15.08 -19.54 3.53
O1N NDP E . -14.58 -20.67 4.35
O2N NDP E . -14.81 -19.45 2.04
O5D NDP E . -13.99 -18.20 4.11
C5D NDP E . -14.39 -17.68 5.30
C4D NDP E . -13.69 -16.32 5.49
O4D NDP E . -12.70 -16.10 4.44
C3D NDP E . -14.75 -15.14 5.33
O3D NDP E . -14.41 -14.11 6.14
C2D NDP E . -14.56 -14.75 3.88
O2D NDP E . -14.96 -13.45 3.67
C1D NDP E . -13.01 -14.86 3.78
N1N NDP E . -12.53 -14.93 2.39
C2N NDP E . -12.75 -16.04 1.64
C3N NDP E . -12.42 -16.07 0.30
C7N NDP E . -12.60 -17.32 -0.41
O7N NDP E . -12.38 -17.43 -1.59
N7N NDP E . -12.99 -18.49 0.26
C4N NDP E . -11.84 -14.83 -0.40
C5N NDP E . -11.38 -13.80 0.55
C6N NDP E . -11.72 -13.87 1.85
P2B NDP E . -22.21 -22.32 9.22
O1X NDP E . -22.89 -21.46 8.19
O2X NDP E . -21.44 -23.56 8.73
O3X NDP E . -22.84 -22.42 10.57
H51A NDP E . -18.12 -19.12 5.80
H52A NDP E . -19.34 -20.09 5.90
H4B NDP E . -17.23 -20.45 7.76
H3B NDP E . -19.46 -21.93 7.38
HO3A NDP E . -19.22 -22.42 9.62
H2B NDP E . -20.85 -20.30 7.93
H1B NDP E . -19.20 -19.33 10.07
H8A NDP E . -20.87 -17.56 7.17
H61A NDP E . -23.95 -14.45 11.08
H62A NDP E . -23.59 -14.65 9.65
H2A NDP E . -21.44 -17.33 13.37
H51N NDP E . -14.11 -18.26 6.03
H52N NDP E . -15.35 -17.62 5.39
H4D NDP E . -13.26 -16.31 6.36
H3D NDP E . -15.65 -15.47 5.48
HO3N NDP E . -15.13 -13.89 6.55
H2D NDP E . -15.00 -15.36 3.28
HO2N NDP E . -15.78 -13.43 3.91
H1D NDP E . -12.54 -14.13 4.24
H2N NDP E . -13.08 -16.80 2.06
H71N NDP E . -13.15 -18.46 1.10
H72N NDP E . -13.08 -19.24 -0.16
H41N NDP E . -11.09 -15.09 -0.96
H42N NDP E . -12.49 -14.45 -1.00
H5N NDP E . -10.85 -13.10 0.25
H6N NDP E . -11.45 -13.22 2.46
PA NDP F . 8.20 8.57 -24.78
O1A NDP F . 9.30 7.68 -25.24
O2A NDP F . 6.91 8.67 -25.56
O5B NDP F . 8.75 10.10 -24.49
C5B NDP F . 10.02 9.91 -23.90
C4B NDP F . 10.65 11.25 -23.56
O4B NDP F . 11.70 11.03 -22.62
C3B NDP F . 11.20 11.88 -24.91
O3B NDP F . 11.11 13.30 -24.94
C2B NDP F . 12.69 11.52 -24.87
O2B NDP F . 13.48 12.48 -25.36
C1B NDP F . 12.94 11.38 -23.27
N9A NDP F . 13.90 10.34 -23.01
C8A NDP F . 13.77 8.95 -23.16
N7A NDP F . 14.89 8.27 -22.83
C5A NDP F . 15.78 9.30 -22.46
C6A NDP F . 17.13 9.27 -22.02
N6A NDP F . 17.83 8.10 -21.88
N1A NDP F . 17.78 10.42 -21.71
C2A NDP F . 17.05 11.58 -21.86
N3A NDP F . 15.78 11.77 -22.28
C4A NDP F . 15.17 10.58 -22.56
O3 NDP F . 7.86 7.89 -23.27
PN NDP F . 6.52 8.53 -22.57
O1N NDP F . 6.56 10.02 -22.55
O2N NDP F . 5.30 7.73 -22.92
O5D NDP F . 6.66 8.14 -20.80
C5D NDP F . 7.51 9.05 -20.18
C4D NDP F . 7.70 8.62 -18.73
O4D NDP F . 6.46 8.06 -18.24
C3D NDP F . 8.80 7.50 -18.65
O3D NDP F . 9.53 7.64 -17.45
C2D NDP F . 7.94 6.22 -18.66
O2D NDP F . 8.58 5.16 -18.04
C1D NDP F . 6.66 6.72 -17.77
N1N NDP F . 5.32 5.90 -17.93
C2N NDP F . 4.59 5.95 -19.14
C3N NDP F . 3.58 5.04 -19.39
C7N NDP F . 2.89 5.20 -20.68
O7N NDP F . 1.78 4.73 -20.92
N7N NDP F . 3.53 5.90 -21.72
C4N NDP F . 3.19 3.93 -18.39
C5N NDP F . 3.82 4.14 -17.06
C6N NDP F . 4.79 5.06 -16.86
P2B NDP F . 13.88 12.39 -27.13
O1X NDP F . 14.08 10.91 -27.26
O2X NDP F . 12.68 13.02 -27.86
O3X NDP F . 15.12 13.24 -26.99
H51A NDP F . 9.96 9.33 -23.12
H52A NDP F . 10.59 9.45 -24.53
H4B NDP F . 9.99 11.83 -23.14
H3B NDP F . 10.80 11.49 -25.71
HO3A NDP F . 10.28 13.48 -24.94
H2B NDP F . 12.78 10.63 -25.26
H1B NDP F . 13.29 12.19 -22.89
H8A NDP F . 12.97 8.57 -23.46
H61A NDP F . 18.65 8.12 -21.61
H62A NDP F . 17.45 7.35 -22.06
H2A NDP F . 17.52 12.36 -21.65
H51N NDP F . 7.10 9.93 -20.18
H52N NDP F . 8.35 9.16 -20.65
H4D NDP F . 7.94 9.40 -18.20
H3D NDP F . 9.36 7.52 -19.44
HO3N NDP F . 10.10 7.00 -17.45
H2D NDP F . 7.67 5.99 -19.56
HO2N NDP F . 9.19 4.91 -18.59
H1D NDP F . 6.87 6.77 -16.83
H2N NDP F . 4.80 6.61 -19.75
H71N NDP F . 3.13 5.99 -22.47
H72N NDP F . 4.30 6.25 -21.61
H41N NDP F . 2.23 3.89 -18.28
H42N NDP F . 3.46 3.07 -18.75
H5N NDP F . 3.52 3.63 -16.34
H6N NDP F . 5.18 5.18 -16.02
PA NDP G . 24.82 -7.53 8.77
O1A NDP G . 25.63 -6.38 8.27
O2A NDP G . 24.72 -7.83 10.25
O5B NDP G . 25.35 -8.92 8.05
C5B NDP G . 25.72 -8.56 6.77
C4B NDP G . 25.94 -9.85 5.99
O4B NDP G . 25.91 -9.51 4.61
C3B NDP G . 27.37 -10.52 6.40
O3B NDP G . 27.35 -11.92 6.33
C2B NDP G . 28.28 -10.03 5.27
O2B NDP G . 29.26 -10.90 4.94
C1B NDP G . 27.20 -9.91 4.07
N9A NDP G . 27.57 -8.94 3.01
C8A NDP G . 27.51 -7.53 3.01
N7A NDP G . 27.91 -6.98 1.84
C5A NDP G . 28.24 -8.09 1.04
C6A NDP G . 28.73 -8.21 -0.28
N6A NDP G . 28.99 -7.12 -1.08
N1A NDP G . 28.96 -9.46 -0.81
C2A NDP G . 28.71 -10.55 0.00
N3A NDP G . 28.25 -10.60 1.27
C4A NDP G . 28.01 -9.32 1.77
O3 NDP G . 23.29 -7.14 8.07
PN NDP G . 21.96 -7.49 8.97
O1N NDP G . 21.81 -8.92 9.27
O2N NDP G . 21.70 -6.45 10.05
O5D NDP G . 20.59 -7.13 7.82
C5D NDP G . 20.64 -8.08 6.80
C4D NDP G . 19.52 -7.80 5.80
O4D NDP G . 18.34 -7.22 6.46
C3D NDP G . 20.06 -6.72 4.79
O3D NDP G . 19.44 -6.86 3.53
C2D NDP G . 19.63 -5.46 5.54
O2D NDP G . 19.61 -4.30 4.78
C1D NDP G . 18.15 -5.91 5.93
N1N NDP G . 17.57 -5.05 6.97
C2N NDP G . 18.01 -5.16 8.31
C3N NDP G . 17.47 -4.34 9.33
C7N NDP G . 17.97 -4.58 10.77
O7N NDP G . 17.57 -3.95 11.79
N7N NDP G . 18.87 -5.63 11.02
C4N NDP G . 16.41 -3.28 9.00
C5N NDP G . 15.94 -3.33 7.56
C6N NDP G . 16.50 -4.17 6.63
P2B NDP G . 30.83 -10.58 5.83
O1X NDP G . 30.32 -11.25 7.07
O2X NDP G . 31.88 -11.31 4.98
O3X NDP G . 30.84 -9.08 5.81
H51A NDP G . 25.06 -7.99 6.35
H52A NDP G . 26.55 -8.06 6.80
H4B NDP G . 25.20 -10.45 6.15
H3B NDP G . 27.71 -10.20 7.25
HO3A NDP G . 26.73 -12.16 6.86
H2B NDP G . 28.56 -9.12 5.50
H1B NDP G . 27.12 -10.77 3.62
H8A NDP G . 27.23 -7.07 3.75
H61A NDP G . 29.27 -7.23 -1.89
H62A NDP G . 28.86 -6.33 -0.78
H2A NDP G . 28.88 -11.38 -0.40
H51N NDP G . 20.49 -8.96 7.16
H52N NDP G . 21.51 -8.13 6.37
H4D NDP G . 19.28 -8.63 5.36
H3D NDP G . 21.03 -6.76 4.73
HO3N NDP G . 19.83 -6.30 3.02
H2D NDP G . 20.16 -5.34 6.33
HO2N NDP G . 20.42 -4.08 4.66
H1D NDP G . 17.54 -5.95 5.17
H2N NDP G . 18.64 -5.81 8.51
H71N NDP G . 19.15 -6.11 10.36
H72N NDP G . 19.16 -5.81 11.81
H41N NDP G . 15.64 -3.39 9.58
H42N NDP G . 16.76 -2.40 9.19
H5N NDP G . 15.24 -2.78 7.30
H6N NDP G . 16.21 -4.19 5.75
PA NDP H . -15.41 19.24 11.67
O1A NDP H . -15.90 18.44 12.85
O2A NDP H . -14.51 20.45 11.87
O5B NDP H . -16.70 19.78 10.76
C5B NDP H . -17.72 18.86 10.93
C4B NDP H . -18.72 19.00 9.77
O4B NDP H . -19.40 17.75 9.64
C3B NDP H . -19.74 20.13 10.11
O3B NDP H . -20.20 20.80 8.93
C2B NDP H . -20.90 19.30 10.73
O2B NDP H . -22.12 19.83 10.58
C1B NDP H . -20.79 18.00 9.86
N9A NDP H . -21.39 16.81 10.57
C8A NDP H . -20.92 16.08 11.68
N7A NDP H . -21.72 15.06 12.04
C5A NDP H . -22.73 15.12 11.12
C6A NDP H . -23.86 14.33 10.97
N6A NDP H . -24.04 13.31 11.85
N1A NDP H . -24.78 14.57 9.96
C2A NDP H . -24.51 15.64 9.11
N3A NDP H . -23.46 16.50 9.13
C4A NDP H . -22.56 16.20 10.18
O3 NDP H . -14.62 17.99 10.77
PN NDP H . -13.27 18.47 9.96
O1N NDP H . -13.52 19.57 9.00
O2N NDP H . -12.05 18.46 10.86
O5D NDP H . -12.85 17.13 8.87
C5D NDP H . -13.83 16.88 7.95
C4D NDP H . -13.57 15.49 7.37
O4D NDP H . -12.12 15.23 7.26
C3D NDP H . -14.14 14.38 8.35
O3D NDP H . -14.54 13.29 7.60
C2D NDP H . -12.90 14.07 9.23
O2D NDP H . -12.90 12.83 9.91
C1D NDP H . -11.83 14.05 8.06
N1N NDP H . -10.49 14.19 8.58
C2N NDP H . -10.16 15.33 9.28
C3N NDP H . -8.92 15.48 9.83
C7N NDP H . -8.63 16.73 10.52
O7N NDP H . -7.63 16.86 11.22
N7N NDP H . -9.47 17.83 10.34
C4N NDP H . -7.84 14.40 9.70
C5N NDP H . -8.28 13.22 8.87
C6N NDP H . -9.54 13.15 8.35
P2B NDP H . -22.53 20.92 11.97
O1X NDP H . -24.02 20.80 11.84
O2X NDP H . -21.89 20.24 13.18
O3X NDP H . -21.88 22.17 11.44
H51A NDP H . -17.39 17.95 11.01
H52A NDP H . -18.18 19.05 11.76
H4B NDP H . -18.24 19.16 8.95
H3B NDP H . -19.42 20.76 10.78
HO3A NDP H . -19.54 21.24 8.65
H2B NDP H . -20.64 19.06 11.63
H1B NDP H . -21.27 18.10 9.02
H8A NDP H . -20.13 16.31 12.11
H61A NDP H . -24.75 12.82 11.80
H62A NDP H . -23.45 13.15 12.45
H2A NDP H . -25.13 15.79 8.44
H51N NDP H . -13.78 17.53 7.22
H52N NDP H . -14.73 16.97 8.30
H4D NDP H . -13.99 15.43 6.48
H3D NDP H . -14.86 14.74 8.90
HO3N NDP H . -14.85 12.72 8.16
H2D NDP H . -12.73 14.80 9.84
HO2N NDP H . -13.42 12.93 10.57
H1D NDP H . -11.88 13.26 7.50
H2N NDP H . -10.80 16.00 9.35
H71N NDP H . -10.16 17.75 9.84
H72N NDP H . -9.32 18.58 10.72
H41N NDP H . -7.58 14.08 10.57
H42N NDP H . -7.04 14.78 9.32
H5N NDP H . -7.68 12.54 8.69
H6N NDP H . -9.81 12.44 7.83
#